data_6E4W
#
_entry.id   6E4W
#
_cell.length_a   123.970
_cell.length_b   123.970
_cell.length_c   402.120
_cell.angle_alpha   90.000
_cell.angle_beta   90.000
_cell.angle_gamma   120.000
#
_symmetry.space_group_name_H-M   'P 61 2 2'
#
loop_
_entity.id
_entity.type
_entity.pdbx_description
1 polymer "5'-AMP-activated protein kinase catalytic subunit alpha-1"
2 polymer "5'-AMP-activated protein kinase subunit beta-1"
3 polymer "5'-AMP-activated protein kinase subunit gamma-1"
4 non-polymer STAUROSPORINE
5 non-polymer '1-O-(4,6-difluoro-5-{4-[(2S)-oxan-2-yl]phenyl}-1H-indole-3-carbonyl)-beta-D-glucopyranuronic acid'
6 non-polymer 'CHLORIDE ION'
7 non-polymer 'ADENOSINE MONOPHOSPHATE'
8 non-polymer "ADENOSINE-5'-DIPHOSPHATE"
9 non-polymer 'SULFATE ION'
#
loop_
_entity_poly.entity_id
_entity_poly.type
_entity_poly.pdbx_seq_one_letter_code
_entity_poly.pdbx_strand_id
1 'polypeptide(L)'
;GATAEKQKHDGRVKIGHYILGDTLGVGTFGKVKVGKHELTGHKVAVKILNRQKIRSLDVVGKIRREIQNLKLFRHPHIIK
LYQVISTPSDIFMVMEYVSGGELFDYICKNGRLDEKESRRLFQQILSGVDYCHRHMVVHRDLKPENVLLDAHMNAKIADF
GLSNMMSDGEFLR(TPO)SCGSPNYAAPEVISGRLYAGPEVDIWSSGVILYALLCGTLPFDDDHVPTLFKKICDGIFYTP
QYLNPSVISLLKHMLQVDPMKRATIKDIREHEWFKQDLPKYLFPEDPSYSSTMIDDEALKEVCEKFECSEEEVLSCLYNR
NHQDPLAVAYHLIIDNRRIMNEAKDFYLATSPPDSFLDDHHLTRPHPERVPFLVAETPRARHTLDELNPQKSKHQGVRKA
KWHLGIRSQSRPNDIMAEVCRAIKQLDYEWKVVNPYYLRVRRKNPVTSTFSKMSLQLYQVDSRTYLLDFRSIDDEASGGP
GGSAPRPGSHTIEFFEMCANLIKILAQ
;
A
2 'polypeptide(L)'
;MEVNEKAPAQARPTVFRWTGGGKEVYLSGSFNNWSKLPLTR(SEP)QNNFVAILDLPEGEHQYKFFVDGQWTHDPSEPIV
TSQLGTVNNIIQVKKTDFEVFDALMVDSQKCSDVSELSSSPPGPYHQEPYISKPEERFKAPPILPPHLLQVILNKDTGIS
CDPALLPEPNHVMLNHLYALSIKDGVMVLSATHRYKKKYVTTLLYKPI
;
B
3 'polypeptide(L)'
;MESVAAESAPAPENEHSQETPESNSSVYTTFMKSHRCYDLIPTSSKLVVFDTSLQVKKAFFALVTNGVRAAPLWDSKKQS
FVGMLTITDFINILHRYYKSALVQIYELEEHKIETWREVYLQDSFKPLVCISPNASLFDAVSSLIRNKIHRLPVIDPESG
NTLYILTHKRILKFLKLFITEFPKPEFMSKSLEELQIGTYANIAMVRTTTPVYVALGIFVQHRVSALPVVDEKGRVVDIY
SKFDVINLAAEKTYNNLDVSVTKALQHRSHYFEGVLKCYLHETLEAIINRLVEAEVHRLVVVDEHDVVKGIVSLSDILQA
LVLTGGEKKP
;
C
#
# COMPACT_ATOMS: atom_id res chain seq x y z
N GLY A 11 42.22 31.67 -5.31
CA GLY A 11 42.02 31.19 -3.93
C GLY A 11 40.57 30.88 -3.58
N ARG A 12 39.87 30.18 -4.48
CA ARG A 12 38.46 29.83 -4.33
C ARG A 12 38.23 28.33 -4.09
N VAL A 13 37.41 28.02 -3.06
CA VAL A 13 37.07 26.63 -2.72
C VAL A 13 35.99 26.17 -3.70
N LYS A 14 36.32 25.22 -4.59
CA LYS A 14 35.37 24.74 -5.58
C LYS A 14 34.96 23.28 -5.36
N ILE A 15 33.76 22.92 -5.81
CA ILE A 15 33.14 21.59 -5.80
C ILE A 15 32.15 21.64 -6.96
N GLY A 16 32.25 20.67 -7.88
CA GLY A 16 31.55 20.70 -9.17
C GLY A 16 32.36 21.78 -9.86
N HIS A 17 31.72 22.75 -10.48
CA HIS A 17 32.53 23.89 -10.95
C HIS A 17 32.10 25.14 -10.25
N TYR A 18 31.33 24.93 -9.17
CA TYR A 18 30.74 25.94 -8.30
C TYR A 18 31.71 26.35 -7.25
N ILE A 19 31.91 27.66 -7.11
CA ILE A 19 32.82 28.16 -6.11
C ILE A 19 31.95 28.40 -4.84
N LEU A 20 32.29 27.62 -3.80
CA LEU A 20 31.65 27.66 -2.48
C LEU A 20 31.87 29.01 -1.87
N GLY A 21 30.82 29.54 -1.30
CA GLY A 21 30.82 30.82 -0.64
C GLY A 21 30.13 30.76 0.71
N ASP A 22 29.35 31.82 0.97
CA ASP A 22 28.63 32.07 2.21
C ASP A 22 27.76 30.94 2.66
N THR A 23 27.67 30.74 3.96
CA THR A 23 26.81 29.72 4.56
C THR A 23 25.42 30.29 4.73
N LEU A 24 24.45 29.67 4.05
CA LEU A 24 23.05 30.07 4.12
C LEU A 24 22.46 29.70 5.46
N GLY A 25 22.91 28.57 5.99
CA GLY A 25 22.45 28.15 7.29
C GLY A 25 23.01 26.81 7.70
N VAL A 26 22.52 26.29 8.84
CA VAL A 26 22.88 24.98 9.32
C VAL A 26 21.63 24.12 9.45
N GLY A 27 21.54 23.14 8.55
CA GLY A 27 20.45 22.19 8.51
C GLY A 27 20.57 21.10 9.55
N THR A 28 19.62 20.12 9.45
CA THR A 28 19.49 18.96 10.33
C THR A 28 20.83 18.24 10.45
N PHE A 29 21.34 17.70 9.31
CA PHE A 29 22.58 16.97 9.34
C PHE A 29 23.83 17.73 8.83
N GLY A 30 23.68 18.89 8.17
CA GLY A 30 24.87 19.60 7.71
C GLY A 30 24.84 21.11 7.56
N LYS A 31 25.99 21.71 7.16
CA LYS A 31 26.15 23.13 6.85
C LYS A 31 25.68 23.30 5.39
N VAL A 32 24.95 24.41 5.09
CA VAL A 32 24.49 24.69 3.73
C VAL A 32 25.17 25.96 3.21
N LYS A 33 26.00 25.84 2.15
CA LYS A 33 26.75 26.95 1.57
C LYS A 33 26.32 27.29 0.16
N VAL A 34 26.53 28.56 -0.27
CA VAL A 34 26.20 28.97 -1.62
C VAL A 34 27.33 28.51 -2.52
N GLY A 35 27.00 28.20 -3.77
CA GLY A 35 27.93 27.78 -4.79
C GLY A 35 27.56 28.54 -6.04
N LYS A 36 28.51 29.32 -6.59
CA LYS A 36 28.31 30.10 -7.81
C LYS A 36 29.26 29.52 -8.84
N HIS A 37 28.71 29.03 -9.95
CA HIS A 37 29.47 28.41 -11.01
C HIS A 37 30.54 29.33 -11.58
N GLU A 38 31.74 28.76 -11.74
CA GLU A 38 32.96 29.37 -12.27
C GLU A 38 32.68 30.22 -13.52
N LEU A 39 32.01 29.61 -14.52
CA LEU A 39 31.76 30.17 -15.83
C LEU A 39 30.41 30.83 -16.03
N THR A 40 29.32 30.20 -15.58
CA THR A 40 27.96 30.68 -15.81
C THR A 40 27.36 31.60 -14.71
N GLY A 41 27.92 31.53 -13.52
CA GLY A 41 27.44 32.31 -12.38
C GLY A 41 26.18 31.74 -11.76
N HIS A 42 25.80 30.53 -12.18
CA HIS A 42 24.62 29.83 -11.68
C HIS A 42 24.80 29.55 -10.19
N LYS A 43 23.73 29.71 -9.39
CA LYS A 43 23.87 29.44 -7.96
C LYS A 43 23.14 28.20 -7.52
N VAL A 44 23.77 27.48 -6.58
CA VAL A 44 23.27 26.24 -5.98
C VAL A 44 23.45 26.30 -4.47
N ALA A 45 22.64 25.49 -3.76
CA ALA A 45 22.76 25.31 -2.32
C ALA A 45 23.51 23.97 -2.10
N VAL A 46 24.64 24.00 -1.37
CA VAL A 46 25.44 22.78 -1.17
C VAL A 46 25.33 22.35 0.29
N LYS A 47 24.74 21.14 0.57
CA LYS A 47 24.69 20.62 1.95
C LYS A 47 25.94 19.75 2.15
N ILE A 48 26.81 20.11 3.13
CA ILE A 48 28.05 19.37 3.44
C ILE A 48 27.79 18.38 4.58
N LEU A 49 27.95 17.08 4.31
CA LEU A 49 27.73 16.05 5.32
C LEU A 49 29.03 15.34 5.56
N ASN A 50 29.65 15.55 6.72
CA ASN A 50 30.89 14.87 7.03
C ASN A 50 30.56 13.44 7.32
N ARG A 51 31.22 12.55 6.60
CA ARG A 51 31.05 11.11 6.70
C ARG A 51 31.21 10.62 8.16
N GLN A 52 32.28 11.08 8.87
CA GLN A 52 32.55 10.72 10.28
C GLN A 52 31.43 11.17 11.23
N LYS A 53 30.84 12.36 11.00
CA LYS A 53 29.75 12.87 11.83
C LYS A 53 28.47 12.12 11.48
N ILE A 54 28.14 11.96 10.17
CA ILE A 54 26.94 11.22 9.80
C ILE A 54 27.05 9.72 10.21
N ARG A 55 28.21 9.26 10.73
CA ARG A 55 28.25 7.89 11.18
C ARG A 55 28.27 7.86 12.71
N SER A 56 28.79 8.95 13.36
CA SER A 56 28.79 9.20 14.81
C SER A 56 27.35 9.22 15.32
N LEU A 57 26.46 10.02 14.67
CA LEU A 57 25.00 10.00 14.86
C LEU A 57 24.71 8.83 13.91
N ASP A 58 24.00 7.77 14.31
CA ASP A 58 23.89 6.70 13.33
C ASP A 58 22.77 6.95 12.32
N VAL A 59 23.06 7.85 11.38
CA VAL A 59 22.17 8.34 10.35
C VAL A 59 22.66 7.99 8.95
N VAL A 60 23.71 7.17 8.81
CA VAL A 60 24.25 6.75 7.50
C VAL A 60 23.12 6.13 6.59
N GLY A 61 22.29 5.28 7.18
CA GLY A 61 21.15 4.67 6.51
C GLY A 61 20.08 5.68 6.14
N LYS A 62 19.80 6.59 7.10
CA LYS A 62 18.86 7.70 6.92
C LYS A 62 19.24 8.45 5.64
N ILE A 63 20.51 8.95 5.56
CA ILE A 63 21.06 9.70 4.45
C ILE A 63 20.99 8.91 3.13
N ARG A 64 21.36 7.62 3.14
CA ARG A 64 21.32 6.77 1.95
C ARG A 64 19.92 6.83 1.32
N ARG A 65 18.87 6.63 2.14
CA ARG A 65 17.46 6.66 1.72
C ARG A 65 17.03 8.04 1.25
N GLU A 66 17.35 9.07 2.06
CA GLU A 66 17.07 10.48 1.86
C GLU A 66 17.55 10.94 0.47
N ILE A 67 18.77 10.48 0.08
CA ILE A 67 19.39 10.77 -1.22
C ILE A 67 18.57 10.07 -2.29
N GLN A 68 18.37 8.74 -2.11
CA GLN A 68 17.60 7.87 -3.01
C GLN A 68 16.29 8.54 -3.47
N ASN A 69 15.49 9.01 -2.50
CA ASN A 69 14.19 9.68 -2.71
C ASN A 69 14.34 10.98 -3.45
N LEU A 70 15.09 11.91 -2.86
CA LEU A 70 15.27 13.26 -3.37
C LEU A 70 15.87 13.34 -4.76
N LYS A 71 16.72 12.37 -5.15
CA LYS A 71 17.32 12.38 -6.49
C LYS A 71 16.30 12.08 -7.57
N LEU A 72 15.28 11.25 -7.27
CA LEU A 72 14.24 10.95 -8.27
C LEU A 72 13.00 11.90 -8.21
N PHE A 73 12.82 12.66 -7.11
CA PHE A 73 11.76 13.67 -6.91
C PHE A 73 11.92 14.84 -7.89
N ARG A 74 10.81 15.46 -8.28
CA ARG A 74 10.79 16.62 -9.16
C ARG A 74 9.43 17.34 -9.05
N HIS A 75 9.35 18.30 -8.13
CA HIS A 75 8.13 19.07 -7.94
C HIS A 75 8.53 20.54 -7.83
N PRO A 76 7.71 21.45 -8.42
CA PRO A 76 8.04 22.89 -8.43
C PRO A 76 8.16 23.59 -7.08
N HIS A 77 7.59 22.98 -6.01
CA HIS A 77 7.56 23.51 -4.65
C HIS A 77 8.31 22.65 -3.65
N ILE A 78 9.28 21.84 -4.15
CA ILE A 78 10.21 21.02 -3.36
C ILE A 78 11.58 21.34 -3.96
N ILE A 79 12.57 21.73 -3.12
CA ILE A 79 13.93 22.07 -3.60
C ILE A 79 14.52 20.87 -4.36
N LYS A 80 14.92 21.08 -5.64
CA LYS A 80 15.55 20.07 -6.49
C LYS A 80 16.96 19.65 -5.97
N LEU A 81 17.28 18.34 -5.97
CA LEU A 81 18.59 17.84 -5.57
C LEU A 81 19.25 17.51 -6.88
N TYR A 82 20.12 18.40 -7.31
CA TYR A 82 20.81 18.30 -8.58
C TYR A 82 21.80 17.12 -8.65
N GLN A 83 22.77 17.03 -7.73
CA GLN A 83 23.80 15.98 -7.72
C GLN A 83 24.38 15.75 -6.34
N VAL A 84 24.87 14.53 -6.09
CA VAL A 84 25.56 14.23 -4.85
C VAL A 84 27.01 13.90 -5.16
N ILE A 85 27.95 14.77 -4.72
CA ILE A 85 29.39 14.60 -4.95
C ILE A 85 30.02 13.95 -3.70
N SER A 86 30.60 12.76 -3.84
CA SER A 86 31.22 12.08 -2.71
C SER A 86 32.72 12.32 -2.72
N THR A 87 33.33 12.53 -1.54
CA THR A 87 34.78 12.75 -1.36
C THR A 87 35.21 11.85 -0.21
N PRO A 88 36.53 11.56 0.02
CA PRO A 88 36.87 10.64 1.12
C PRO A 88 36.41 11.14 2.50
N SER A 89 36.50 12.47 2.66
CA SER A 89 36.16 13.27 3.82
C SER A 89 34.65 13.37 4.06
N ASP A 90 33.92 14.04 3.12
CA ASP A 90 32.50 14.42 3.19
C ASP A 90 31.69 14.23 1.90
N ILE A 91 30.37 14.35 2.02
CA ILE A 91 29.36 14.20 0.98
C ILE A 91 28.70 15.56 0.71
N PHE A 92 28.74 16.00 -0.56
CA PHE A 92 28.25 17.28 -1.00
C PHE A 92 26.96 17.15 -1.77
N MET A 93 25.86 17.63 -1.18
CA MET A 93 24.54 17.60 -1.81
C MET A 93 24.22 18.91 -2.51
N VAL A 94 24.48 18.93 -3.84
CA VAL A 94 24.24 20.09 -4.71
C VAL A 94 22.75 20.17 -4.95
N MET A 95 22.14 21.31 -4.63
CA MET A 95 20.69 21.54 -4.73
C MET A 95 20.34 22.87 -5.34
N GLU A 96 19.05 23.05 -5.69
CA GLU A 96 18.63 24.32 -6.27
C GLU A 96 18.62 25.40 -5.21
N TYR A 97 19.15 26.59 -5.54
CA TYR A 97 19.20 27.73 -4.63
C TYR A 97 18.04 28.65 -4.91
N VAL A 98 17.48 29.29 -3.86
CA VAL A 98 16.38 30.27 -3.98
C VAL A 98 16.76 31.54 -3.18
N SER A 99 16.84 32.67 -3.90
CA SER A 99 17.25 33.96 -3.38
C SER A 99 16.43 34.54 -2.24
N GLY A 100 15.15 34.17 -2.15
CA GLY A 100 14.23 34.74 -1.17
C GLY A 100 14.32 34.31 0.28
N GLY A 101 15.14 33.31 0.56
CA GLY A 101 15.30 32.81 1.92
C GLY A 101 14.04 32.24 2.55
N GLU A 102 14.01 32.24 3.88
CA GLU A 102 12.90 31.70 4.66
C GLU A 102 11.58 32.44 4.52
N LEU A 103 10.48 31.65 4.54
CA LEU A 103 9.11 32.17 4.53
C LEU A 103 8.91 32.80 5.90
N PHE A 104 9.59 32.23 6.91
CA PHE A 104 9.56 32.71 8.26
C PHE A 104 10.01 34.17 8.29
N ASP A 105 11.23 34.50 7.79
CA ASP A 105 11.64 35.91 7.80
C ASP A 105 10.72 36.78 6.92
N TYR A 106 10.11 36.22 5.87
CA TYR A 106 9.16 37.01 5.11
C TYR A 106 8.06 37.57 6.06
N ILE A 107 7.38 36.65 6.79
CA ILE A 107 6.33 36.92 7.75
C ILE A 107 6.88 37.74 8.93
N CYS A 108 8.18 37.74 9.15
CA CYS A 108 8.68 38.59 10.21
C CYS A 108 8.74 40.00 9.73
N LYS A 109 9.42 40.21 8.58
CA LYS A 109 9.70 41.50 7.96
C LYS A 109 8.43 42.24 7.58
N ASN A 110 7.65 41.62 6.70
CA ASN A 110 6.34 42.09 6.27
C ASN A 110 5.49 41.35 7.29
N GLY A 111 4.27 41.74 7.54
CA GLY A 111 3.50 41.02 8.55
C GLY A 111 2.85 39.75 8.03
N ARG A 112 1.57 39.55 8.40
CA ARG A 112 0.79 38.42 7.92
C ARG A 112 0.49 38.68 6.45
N LEU A 113 0.24 37.61 5.67
CA LEU A 113 -0.06 37.69 4.24
C LEU A 113 -1.55 37.94 4.08
N ASP A 114 -1.96 38.57 2.95
CA ASP A 114 -3.36 38.81 2.64
C ASP A 114 -4.06 37.49 2.27
N GLU A 115 -5.41 37.39 2.45
CA GLU A 115 -6.16 36.14 2.20
C GLU A 115 -5.74 35.47 0.94
N LYS A 116 -5.65 36.25 -0.16
CA LYS A 116 -5.26 35.82 -1.51
C LYS A 116 -3.83 35.30 -1.53
N GLU A 117 -2.88 36.11 -1.06
CA GLU A 117 -1.47 35.74 -1.01
C GLU A 117 -1.21 34.48 -0.13
N SER A 118 -1.88 34.40 1.02
CA SER A 118 -1.80 33.30 1.97
C SER A 118 -2.25 32.01 1.30
N ARG A 119 -3.41 32.07 0.63
CA ARG A 119 -3.98 30.92 -0.05
C ARG A 119 -3.05 30.37 -1.12
N ARG A 120 -2.42 31.28 -1.90
CA ARG A 120 -1.51 30.89 -2.97
C ARG A 120 -0.42 30.05 -2.44
N LEU A 121 0.32 30.60 -1.45
CA LEU A 121 1.45 29.95 -0.81
C LEU A 121 1.02 28.68 -0.13
N PHE A 122 -0.16 28.66 0.49
CA PHE A 122 -0.65 27.45 1.14
C PHE A 122 -0.92 26.32 0.13
N GLN A 123 -1.51 26.66 -1.03
CA GLN A 123 -1.75 25.69 -2.09
C GLN A 123 -0.42 25.11 -2.54
N GLN A 124 0.58 25.99 -2.78
CA GLN A 124 1.92 25.61 -3.22
C GLN A 124 2.58 24.60 -2.27
N ILE A 125 2.61 24.94 -0.97
CA ILE A 125 3.16 24.09 0.07
C ILE A 125 2.41 22.78 0.06
N LEU A 126 1.07 22.84 0.20
CA LEU A 126 0.29 21.61 0.27
C LEU A 126 0.49 20.68 -0.95
N SER A 127 0.67 21.27 -2.15
CA SER A 127 0.96 20.54 -3.38
C SER A 127 2.21 19.69 -3.21
N GLY A 128 3.27 20.33 -2.70
CA GLY A 128 4.55 19.70 -2.41
C GLY A 128 4.38 18.62 -1.36
N VAL A 129 3.68 18.94 -0.22
CA VAL A 129 3.42 18.03 0.92
C VAL A 129 2.76 16.77 0.42
N ASP A 130 1.82 16.98 -0.47
CA ASP A 130 1.11 15.90 -1.10
C ASP A 130 2.09 15.04 -1.94
N TYR A 131 2.86 15.67 -2.87
CA TYR A 131 3.84 14.97 -3.73
C TYR A 131 4.72 14.04 -2.92
N CYS A 132 5.21 14.51 -1.74
CA CYS A 132 6.00 13.72 -0.83
C CYS A 132 5.23 12.49 -0.41
N HIS A 133 4.02 12.69 0.14
CA HIS A 133 3.16 11.62 0.64
C HIS A 133 2.83 10.59 -0.41
N ARG A 134 2.55 11.06 -1.66
CA ARG A 134 2.26 10.25 -2.85
C ARG A 134 3.52 9.40 -3.17
N HIS A 135 4.68 9.79 -2.60
CA HIS A 135 5.94 9.08 -2.79
C HIS A 135 6.40 8.40 -1.51
N MET A 136 5.45 8.07 -0.63
CA MET A 136 5.68 7.38 0.66
C MET A 136 6.80 8.04 1.49
N VAL A 137 6.91 9.37 1.35
CA VAL A 137 7.88 10.19 2.08
C VAL A 137 7.06 11.17 2.92
N VAL A 138 7.45 11.30 4.19
CA VAL A 138 6.79 12.21 5.10
C VAL A 138 7.81 13.15 5.74
N HIS A 139 7.97 14.37 5.18
CA HIS A 139 8.87 15.40 5.70
C HIS A 139 8.31 15.80 7.03
N ARG A 140 8.79 15.25 8.15
CA ARG A 140 8.26 15.75 9.43
C ARG A 140 9.06 17.02 9.67
N ASP A 141 8.68 17.90 10.60
CA ASP A 141 9.45 19.17 10.77
C ASP A 141 9.22 20.14 9.57
N LEU A 142 7.95 20.36 9.28
CA LEU A 142 7.46 21.22 8.22
C LEU A 142 7.11 22.59 8.89
N LYS A 143 7.90 23.64 8.64
CA LYS A 143 7.66 24.95 9.28
C LYS A 143 8.00 26.13 8.36
N PRO A 144 7.56 27.39 8.61
CA PRO A 144 7.98 28.53 7.74
C PRO A 144 9.51 28.65 7.58
N GLU A 145 10.24 28.27 8.63
CA GLU A 145 11.70 28.21 8.67
C GLU A 145 12.22 27.20 7.59
N ASN A 146 11.46 26.16 7.22
CA ASN A 146 11.88 25.21 6.20
C ASN A 146 11.16 25.37 4.87
N VAL A 147 10.41 26.47 4.71
CA VAL A 147 9.74 26.79 3.43
C VAL A 147 10.53 27.98 2.89
N LEU A 148 11.24 27.75 1.79
CA LEU A 148 12.03 28.82 1.19
C LEU A 148 11.24 29.53 0.09
N LEU A 149 11.64 30.77 -0.24
CA LEU A 149 10.97 31.57 -1.27
C LEU A 149 11.95 31.94 -2.35
N ASP A 150 11.49 31.89 -3.60
CA ASP A 150 12.34 32.26 -4.71
C ASP A 150 11.96 33.67 -5.12
N ALA A 151 12.74 34.29 -6.02
CA ALA A 151 12.56 35.64 -6.55
C ALA A 151 11.10 36.00 -6.84
N HIS A 152 10.37 35.06 -7.45
CA HIS A 152 8.98 35.20 -7.88
C HIS A 152 7.95 34.76 -6.85
N MET A 153 8.38 34.64 -5.58
CA MET A 153 7.52 34.35 -4.43
C MET A 153 6.90 32.91 -4.41
N ASN A 154 7.65 31.89 -4.82
CA ASN A 154 7.14 30.53 -4.81
C ASN A 154 7.71 29.72 -3.70
N ALA A 155 6.83 28.99 -3.01
CA ALA A 155 7.18 28.15 -1.86
C ALA A 155 8.12 27.01 -2.28
N LYS A 156 9.08 26.65 -1.41
CA LYS A 156 10.00 25.57 -1.73
C LYS A 156 10.30 24.75 -0.47
N ILE A 157 9.72 23.54 -0.35
CA ILE A 157 9.90 22.68 0.83
C ILE A 157 11.39 22.26 0.87
N ALA A 158 12.06 22.34 2.08
CA ALA A 158 13.50 22.15 2.09
C ALA A 158 14.19 21.14 3.07
N ASP A 159 13.88 21.01 4.36
CA ASP A 159 14.84 20.11 5.05
C ASP A 159 14.37 18.65 5.19
N PHE A 160 14.83 17.77 4.31
CA PHE A 160 14.31 16.40 4.43
C PHE A 160 15.12 15.52 5.44
N GLY A 161 15.87 16.15 6.34
CA GLY A 161 16.70 15.49 7.34
C GLY A 161 15.91 14.70 8.37
N LEU A 162 14.69 15.18 8.69
CA LEU A 162 13.82 14.52 9.68
C LEU A 162 12.77 13.61 9.02
N SER A 163 12.60 13.76 7.69
CA SER A 163 11.68 12.95 6.89
C SER A 163 11.88 11.45 7.07
N ASN A 164 10.83 10.69 6.83
CA ASN A 164 10.89 9.24 6.89
C ASN A 164 10.06 8.60 5.81
N MET A 165 10.29 7.31 5.63
CA MET A 165 9.58 6.53 4.66
C MET A 165 8.32 6.00 5.30
N MET A 166 7.29 5.85 4.50
CA MET A 166 6.04 5.25 4.92
C MET A 166 6.12 3.86 4.31
N SER A 167 5.98 2.83 5.14
CA SER A 167 6.06 1.44 4.65
C SER A 167 4.80 0.68 4.97
N ASP A 168 4.25 -0.05 3.97
CA ASP A 168 3.01 -0.84 4.11
C ASP A 168 2.93 -1.65 5.43
N GLY A 169 1.90 -1.36 6.19
CA GLY A 169 1.59 -1.99 7.46
C GLY A 169 2.32 -1.46 8.68
N GLU A 170 3.20 -0.44 8.53
CA GLU A 170 3.97 0.07 9.68
C GLU A 170 3.80 1.56 10.03
N PHE A 171 3.92 1.86 11.36
CA PHE A 171 3.80 3.18 11.97
C PHE A 171 5.15 3.75 12.25
N LEU A 172 5.24 5.08 12.41
CA LEU A 172 6.48 5.77 12.74
C LEU A 172 6.42 6.11 14.22
N ARG A 173 7.59 6.32 14.88
CA ARG A 173 7.60 6.62 16.31
C ARG A 173 8.27 7.95 16.63
N SER A 175 9.61 11.40 17.53
CA SER A 175 9.05 12.72 17.80
C SER A 175 10.00 13.67 17.06
N CYS A 176 9.52 14.56 16.18
CA CYS A 176 10.51 15.23 15.34
C CYS A 176 10.67 16.75 15.40
N GLY A 177 9.69 17.50 14.93
CA GLY A 177 9.90 18.93 14.74
C GLY A 177 9.90 19.88 15.91
N SER A 178 9.77 21.18 15.57
CA SER A 178 9.63 22.28 16.52
C SER A 178 8.38 22.00 17.34
N PRO A 179 8.46 22.12 18.67
CA PRO A 179 7.29 21.87 19.53
C PRO A 179 5.99 22.53 19.06
N ASN A 180 6.06 23.71 18.45
CA ASN A 180 4.93 24.47 17.93
C ASN A 180 4.25 23.79 16.76
N TYR A 181 5.07 23.42 15.76
CA TYR A 181 4.56 22.80 14.54
C TYR A 181 4.23 21.33 14.71
N ALA A 182 4.81 20.71 15.77
CA ALA A 182 4.60 19.30 16.08
C ALA A 182 3.16 18.99 16.47
N ALA A 183 2.62 17.88 15.88
CA ALA A 183 1.30 17.31 16.07
C ALA A 183 1.12 16.87 17.53
N PRO A 184 -0.10 16.80 18.12
CA PRO A 184 -0.22 16.41 19.54
C PRO A 184 0.33 15.02 19.83
N GLU A 185 0.05 14.03 18.93
CA GLU A 185 0.56 12.65 19.05
C GLU A 185 2.08 12.58 18.99
N VAL A 186 2.73 13.55 18.33
CA VAL A 186 4.19 13.64 18.23
C VAL A 186 4.72 14.16 19.56
N ILE A 187 4.08 15.22 20.11
CA ILE A 187 4.50 15.77 21.39
C ILE A 187 4.16 14.74 22.48
N SER A 188 3.04 13.99 22.35
CA SER A 188 2.59 12.90 23.22
C SER A 188 3.48 11.67 23.06
N GLY A 189 4.28 11.65 22.00
CA GLY A 189 5.20 10.58 21.63
C GLY A 189 4.53 9.25 21.34
N ARG A 190 3.30 9.32 20.79
CA ARG A 190 2.47 8.18 20.42
C ARG A 190 2.85 7.74 18.98
N LEU A 191 2.42 6.54 18.57
CA LEU A 191 2.73 6.04 17.22
C LEU A 191 1.86 6.75 16.19
N TYR A 192 2.36 6.93 14.96
CA TYR A 192 1.58 7.62 13.94
C TYR A 192 1.81 7.09 12.55
N ALA A 193 0.87 7.36 11.62
CA ALA A 193 0.98 6.90 10.23
C ALA A 193 2.01 7.67 9.42
N GLY A 194 2.00 8.99 9.59
CA GLY A 194 2.88 9.90 8.88
C GLY A 194 2.18 11.11 8.27
N PRO A 195 1.24 10.97 7.30
CA PRO A 195 0.70 12.16 6.66
C PRO A 195 -0.05 13.11 7.56
N GLU A 196 -0.77 12.56 8.56
CA GLU A 196 -1.57 13.37 9.49
C GLU A 196 -0.73 14.37 10.26
N VAL A 197 0.52 14.01 10.56
CA VAL A 197 1.41 14.88 11.29
C VAL A 197 1.93 15.98 10.35
N ASP A 198 2.04 15.70 9.03
CA ASP A 198 2.43 16.73 8.08
C ASP A 198 1.28 17.68 7.84
N ILE A 199 0.05 17.14 7.87
CA ILE A 199 -1.17 17.92 7.72
C ILE A 199 -1.26 18.93 8.88
N TRP A 200 -1.05 18.48 10.15
CA TRP A 200 -1.06 19.34 11.34
C TRP A 200 -0.08 20.49 11.18
N SER A 201 1.17 20.18 10.82
CA SER A 201 2.22 21.17 10.65
C SER A 201 1.84 22.18 9.58
N SER A 202 1.23 21.72 8.48
CA SER A 202 0.75 22.57 7.38
C SER A 202 -0.39 23.49 7.86
N GLY A 203 -1.18 22.99 8.83
CA GLY A 203 -2.26 23.76 9.46
C GLY A 203 -1.69 24.91 10.27
N VAL A 204 -0.57 24.64 10.98
CA VAL A 204 0.14 25.65 11.76
C VAL A 204 0.71 26.71 10.79
N ILE A 205 1.25 26.25 9.63
CA ILE A 205 1.79 27.10 8.55
C ILE A 205 0.68 28.03 8.03
N LEU A 206 -0.54 27.49 7.82
CA LEU A 206 -1.68 28.27 7.34
C LEU A 206 -2.02 29.43 8.31
N TYR A 207 -2.03 29.12 9.63
CA TYR A 207 -2.33 30.10 10.65
C TYR A 207 -1.25 31.17 10.60
N ALA A 208 0.04 30.76 10.57
CA ALA A 208 1.20 31.63 10.49
C ALA A 208 1.08 32.57 9.28
N LEU A 209 0.64 32.06 8.12
CA LEU A 209 0.48 32.89 6.92
C LEU A 209 -0.63 33.96 7.10
N LEU A 210 -1.83 33.54 7.57
CA LEU A 210 -3.01 34.39 7.71
C LEU A 210 -2.94 35.38 8.84
N CYS A 211 -2.37 34.97 9.99
CA CYS A 211 -2.29 35.77 11.20
C CYS A 211 -0.97 36.42 11.43
N GLY A 212 0.09 35.81 10.91
CA GLY A 212 1.43 36.31 11.14
C GLY A 212 1.97 35.92 12.51
N THR A 213 1.21 35.12 13.30
CA THR A 213 1.60 34.59 14.61
C THR A 213 1.35 33.09 14.68
N LEU A 214 1.73 32.45 15.80
CA LEU A 214 1.58 31.01 15.98
C LEU A 214 0.32 30.63 16.71
N PRO A 215 -0.42 29.59 16.23
CA PRO A 215 -1.70 29.23 16.87
C PRO A 215 -1.53 28.78 18.30
N PHE A 216 -0.52 27.91 18.50
CA PHE A 216 -0.09 27.36 19.80
C PHE A 216 1.32 27.83 19.98
N ASP A 217 1.52 28.63 21.05
CA ASP A 217 2.75 29.31 21.42
C ASP A 217 2.60 29.84 22.84
N ASP A 218 3.65 29.64 23.65
CA ASP A 218 3.78 30.05 25.06
C ASP A 218 5.20 29.80 25.49
N ASP A 219 5.74 30.71 26.34
CA ASP A 219 7.07 30.59 26.93
C ASP A 219 7.05 29.46 27.93
N HIS A 220 5.92 29.30 28.64
CA HIS A 220 5.69 28.21 29.57
C HIS A 220 5.41 26.95 28.76
N VAL A 221 6.48 26.16 28.51
CA VAL A 221 6.42 24.90 27.73
C VAL A 221 5.23 23.99 28.15
N PRO A 222 5.04 23.72 29.47
CA PRO A 222 3.89 22.88 29.89
C PRO A 222 2.55 23.34 29.34
N THR A 223 2.25 24.66 29.40
CA THR A 223 0.98 25.18 28.86
C THR A 223 0.97 25.12 27.35
N LEU A 224 2.15 25.27 26.69
CA LEU A 224 2.23 25.15 25.23
C LEU A 224 1.74 23.72 24.85
N PHE A 225 2.24 22.68 25.57
CA PHE A 225 1.85 21.29 25.34
C PHE A 225 0.39 20.99 25.69
N LYS A 226 -0.17 21.65 26.77
CA LYS A 226 -1.59 21.51 27.14
C LYS A 226 -2.39 22.09 25.97
N LYS A 227 -2.09 23.35 25.59
CA LYS A 227 -2.74 24.08 24.50
C LYS A 227 -2.76 23.26 23.23
N ILE A 228 -1.62 22.63 22.84
CA ILE A 228 -1.52 21.79 21.65
C ILE A 228 -2.44 20.58 21.75
N CYS A 229 -2.44 19.90 22.92
CA CYS A 229 -3.22 18.69 23.15
C CYS A 229 -4.68 18.96 23.45
N ASP A 230 -5.02 20.23 23.66
CA ASP A 230 -6.40 20.68 23.83
C ASP A 230 -6.92 21.23 22.51
N GLY A 231 -6.01 21.37 21.53
CA GLY A 231 -6.26 21.85 20.17
C GLY A 231 -6.86 23.25 20.07
N ILE A 232 -6.71 24.03 21.17
CA ILE A 232 -7.25 25.38 21.29
C ILE A 232 -6.23 26.44 20.83
N PHE A 233 -6.70 27.27 19.88
CA PHE A 233 -5.96 28.40 19.31
C PHE A 233 -6.93 29.58 19.12
N TYR A 234 -6.43 30.83 19.10
CA TYR A 234 -7.31 31.97 18.92
C TYR A 234 -7.48 32.31 17.45
N THR A 235 -8.73 32.54 17.03
CA THR A 235 -9.02 32.94 15.67
C THR A 235 -9.32 34.44 15.67
N PRO A 236 -8.38 35.29 15.22
CA PRO A 236 -8.67 36.75 15.22
C PRO A 236 -9.82 37.11 14.27
N GLN A 237 -10.68 38.07 14.69
CA GLN A 237 -11.87 38.52 13.97
C GLN A 237 -11.68 38.67 12.44
N TYR A 238 -10.50 39.15 11.99
CA TYR A 238 -10.21 39.32 10.56
C TYR A 238 -10.10 38.03 9.76
N LEU A 239 -10.06 36.88 10.42
CA LEU A 239 -10.01 35.58 9.73
C LEU A 239 -11.38 35.22 9.11
N ASN A 240 -11.36 34.82 7.83
CA ASN A 240 -12.55 34.39 7.07
C ASN A 240 -13.08 33.09 7.69
N PRO A 241 -14.37 33.05 8.11
CA PRO A 241 -14.91 31.81 8.73
C PRO A 241 -14.63 30.54 7.96
N SER A 242 -14.58 30.62 6.61
CA SER A 242 -14.25 29.47 5.77
C SER A 242 -12.85 28.96 6.04
N VAL A 243 -11.85 29.85 6.17
CA VAL A 243 -10.52 29.34 6.45
C VAL A 243 -10.47 28.84 7.89
N ILE A 244 -11.27 29.47 8.80
CA ILE A 244 -11.40 29.02 10.21
C ILE A 244 -11.93 27.58 10.19
N SER A 245 -12.88 27.31 9.27
CA SER A 245 -13.42 25.96 9.08
C SER A 245 -12.31 24.97 8.77
N LEU A 246 -11.46 25.33 7.77
CA LEU A 246 -10.33 24.53 7.28
C LEU A 246 -9.34 24.27 8.41
N LEU A 247 -8.96 25.34 9.16
CA LEU A 247 -8.03 25.26 10.28
C LEU A 247 -8.59 24.39 11.38
N LYS A 248 -9.88 24.57 11.74
CA LYS A 248 -10.55 23.76 12.76
C LYS A 248 -10.42 22.27 12.34
N HIS A 249 -10.60 21.96 11.02
CA HIS A 249 -10.48 20.60 10.45
C HIS A 249 -9.05 20.06 10.44
N MET A 250 -8.08 20.89 10.02
CA MET A 250 -6.65 20.53 9.94
C MET A 250 -6.05 20.34 11.30
N LEU A 251 -6.41 21.20 12.29
CA LEU A 251 -5.85 21.14 13.64
C LEU A 251 -6.73 20.37 14.62
N GLN A 252 -7.19 19.18 14.17
CA GLN A 252 -7.94 18.25 14.98
C GLN A 252 -6.94 17.44 15.83
N VAL A 253 -7.11 17.44 17.17
CA VAL A 253 -6.23 16.66 18.06
C VAL A 253 -6.33 15.15 17.74
N ASP A 254 -7.54 14.69 17.28
CA ASP A 254 -7.80 13.30 16.89
C ASP A 254 -7.38 13.10 15.45
N PRO A 255 -6.34 12.26 15.20
CA PRO A 255 -5.87 12.02 13.82
C PRO A 255 -6.95 11.41 12.92
N MET A 256 -7.82 10.62 13.55
CA MET A 256 -8.93 10.00 12.87
C MET A 256 -9.97 11.03 12.45
N LYS A 257 -10.05 12.19 13.15
CA LYS A 257 -11.00 13.29 12.86
C LYS A 257 -10.37 14.44 12.05
N ARG A 258 -9.04 14.38 11.86
CA ARG A 258 -8.26 15.39 11.15
C ARG A 258 -8.46 15.37 9.64
N ALA A 259 -8.30 16.54 9.00
CA ALA A 259 -8.39 16.70 7.55
C ALA A 259 -7.32 15.86 6.85
N THR A 260 -7.59 15.55 5.59
CA THR A 260 -6.71 14.79 4.71
C THR A 260 -6.46 15.68 3.49
N ILE A 261 -5.33 15.46 2.76
CA ILE A 261 -5.03 16.27 1.56
C ILE A 261 -6.27 16.29 0.63
N LYS A 262 -7.09 15.22 0.64
CA LYS A 262 -8.34 15.08 -0.10
C LYS A 262 -9.38 16.08 0.44
N ASP A 263 -9.68 16.01 1.76
CA ASP A 263 -10.64 16.89 2.40
C ASP A 263 -10.27 18.38 2.21
N ILE A 264 -8.94 18.71 2.28
CA ILE A 264 -8.43 20.07 2.10
C ILE A 264 -8.67 20.47 0.61
N ARG A 265 -8.27 19.59 -0.32
CA ARG A 265 -8.40 19.78 -1.76
C ARG A 265 -9.85 20.07 -2.16
N GLU A 266 -10.82 19.46 -1.41
CA GLU A 266 -12.27 19.59 -1.59
C GLU A 266 -12.82 20.83 -0.90
N HIS A 267 -12.05 21.39 0.05
CA HIS A 267 -12.49 22.55 0.82
C HIS A 267 -12.65 23.76 -0.05
N GLU A 268 -13.74 24.50 0.17
CA GLU A 268 -14.09 25.68 -0.61
C GLU A 268 -13.02 26.78 -0.60
N TRP A 269 -12.39 27.02 0.56
CA TRP A 269 -11.38 28.05 0.70
C TRP A 269 -10.19 27.72 -0.17
N PHE A 270 -9.77 26.45 -0.14
CA PHE A 270 -8.63 25.94 -0.88
C PHE A 270 -8.87 26.01 -2.37
N LYS A 271 -9.98 25.41 -2.86
CA LYS A 271 -10.40 25.31 -4.26
C LYS A 271 -10.28 26.63 -4.97
N GLN A 272 -10.65 27.70 -4.28
CA GLN A 272 -10.70 29.05 -4.80
C GLN A 272 -9.40 29.43 -5.48
N ASP A 273 -9.47 29.78 -6.77
CA ASP A 273 -8.37 30.18 -7.65
C ASP A 273 -7.21 29.18 -7.72
N LEU A 274 -7.43 27.92 -7.34
CA LEU A 274 -6.39 26.89 -7.31
C LEU A 274 -5.88 26.53 -8.69
N PRO A 275 -4.57 26.84 -8.97
CA PRO A 275 -4.00 26.51 -10.28
C PRO A 275 -3.96 25.03 -10.58
N LYS A 276 -4.03 24.84 -11.86
CA LYS A 276 -4.05 23.63 -12.62
C LYS A 276 -2.81 22.75 -12.36
N TYR A 277 -1.56 23.34 -12.46
CA TYR A 277 -0.29 22.61 -12.37
C TYR A 277 -0.14 21.76 -11.12
N LEU A 278 -0.55 22.27 -9.95
CA LEU A 278 -0.52 21.53 -8.68
C LEU A 278 -1.69 20.57 -8.74
N PHE A 279 -1.51 19.29 -8.34
CA PHE A 279 -2.58 18.24 -8.38
C PHE A 279 -3.17 17.96 -9.79
N LYS A 397 -18.41 -7.82 12.33
CA LYS A 397 -17.84 -7.86 13.69
C LYS A 397 -16.33 -8.18 13.64
N TRP A 398 -15.55 -7.50 12.76
CA TRP A 398 -14.12 -7.84 12.64
C TRP A 398 -13.30 -7.33 13.80
N HIS A 399 -12.39 -8.18 14.33
CA HIS A 399 -11.54 -7.82 15.46
C HIS A 399 -10.08 -7.89 15.04
N LEU A 400 -9.28 -6.89 15.41
CA LEU A 400 -7.85 -6.91 15.11
C LEU A 400 -7.16 -7.81 16.14
N GLY A 401 -6.30 -8.72 15.68
CA GLY A 401 -5.57 -9.65 16.53
C GLY A 401 -6.40 -10.28 17.64
N ILE A 402 -5.77 -10.49 18.81
CA ILE A 402 -6.40 -11.06 20.03
C ILE A 402 -6.11 -10.12 21.22
N ARG A 403 -7.13 -9.88 22.06
CA ARG A 403 -7.01 -9.00 23.23
C ARG A 403 -7.11 -9.73 24.57
N SER A 404 -6.14 -9.50 25.48
CA SER A 404 -6.11 -10.09 26.82
C SER A 404 -5.96 -9.03 27.92
N GLN A 405 -6.60 -9.26 29.09
CA GLN A 405 -6.56 -8.34 30.22
C GLN A 405 -5.46 -8.65 31.25
N SER A 406 -4.53 -9.56 30.91
CA SER A 406 -3.41 -9.97 31.77
C SER A 406 -2.28 -8.92 31.82
N ARG A 407 -1.20 -9.19 32.62
CA ARG A 407 -0.05 -8.29 32.75
C ARG A 407 0.84 -8.40 31.50
N PRO A 408 1.24 -7.26 30.87
CA PRO A 408 2.08 -7.33 29.63
C PRO A 408 3.21 -8.37 29.62
N ASN A 409 3.97 -8.49 30.73
CA ASN A 409 5.06 -9.45 30.85
C ASN A 409 4.56 -10.90 30.84
N ASP A 410 3.39 -11.19 31.48
CA ASP A 410 2.74 -12.52 31.52
C ASP A 410 2.27 -12.91 30.11
N ILE A 411 1.74 -11.91 29.37
CA ILE A 411 1.24 -12.02 27.99
C ILE A 411 2.39 -12.42 27.06
N MET A 412 3.51 -11.67 27.13
CA MET A 412 4.71 -11.92 26.33
C MET A 412 5.30 -13.31 26.61
N ALA A 413 5.28 -13.73 27.88
CA ALA A 413 5.76 -15.04 28.33
C ALA A 413 4.91 -16.11 27.68
N GLU A 414 3.57 -15.99 27.83
CA GLU A 414 2.57 -16.91 27.26
C GLU A 414 2.78 -17.09 25.76
N VAL A 415 2.89 -15.97 25.01
CA VAL A 415 3.09 -15.98 23.55
C VAL A 415 4.47 -16.58 23.19
N CYS A 416 5.49 -16.40 24.05
CA CYS A 416 6.80 -16.98 23.81
C CYS A 416 6.78 -18.49 23.98
N ARG A 417 6.13 -18.98 25.04
CA ARG A 417 6.01 -20.44 25.31
C ARG A 417 5.02 -21.13 24.35
N ALA A 418 4.27 -20.34 23.56
CA ALA A 418 3.31 -20.79 22.56
C ALA A 418 4.00 -20.92 21.19
N ILE A 419 4.87 -19.94 20.85
CA ILE A 419 5.64 -19.90 19.60
C ILE A 419 6.61 -21.10 19.56
N LYS A 420 7.31 -21.37 20.69
CA LYS A 420 8.24 -22.51 20.83
C LYS A 420 7.46 -23.84 20.78
N GLN A 421 6.22 -23.84 21.32
CA GLN A 421 5.30 -25.01 21.33
C GLN A 421 4.86 -25.38 19.90
N LEU A 422 5.20 -24.53 18.92
CA LEU A 422 4.90 -24.69 17.51
C LEU A 422 6.18 -24.98 16.69
N ASP A 423 7.35 -25.02 17.36
CA ASP A 423 8.68 -25.23 16.76
C ASP A 423 8.96 -24.17 15.66
N TYR A 424 8.76 -22.90 16.05
CA TYR A 424 8.98 -21.71 15.20
C TYR A 424 10.24 -20.97 15.67
N GLU A 425 11.05 -20.48 14.71
CA GLU A 425 12.24 -19.67 15.00
C GLU A 425 11.74 -18.26 15.27
N TRP A 426 12.45 -17.47 16.09
CA TRP A 426 12.06 -16.07 16.35
C TRP A 426 13.25 -15.22 16.80
N LYS A 427 13.03 -13.91 16.96
CA LYS A 427 14.05 -12.95 17.40
C LYS A 427 13.35 -11.83 18.17
N VAL A 428 13.58 -11.73 19.51
CA VAL A 428 12.98 -10.70 20.40
C VAL A 428 13.65 -9.33 20.16
N VAL A 429 12.89 -8.39 19.55
CA VAL A 429 13.34 -7.03 19.19
C VAL A 429 13.14 -6.09 20.39
N ASN A 430 11.88 -5.71 20.68
CA ASN A 430 11.52 -4.89 21.84
C ASN A 430 11.06 -5.91 22.89
N PRO A 431 10.78 -5.54 24.16
CA PRO A 431 10.20 -6.54 25.07
C PRO A 431 8.72 -6.85 24.72
N TYR A 432 8.20 -6.17 23.64
CA TYR A 432 6.83 -6.27 23.10
C TYR A 432 6.75 -6.54 21.56
N TYR A 433 7.90 -6.54 20.85
CA TYR A 433 8.05 -6.84 19.42
C TYR A 433 8.80 -8.18 19.31
N LEU A 434 8.35 -9.09 18.40
CA LEU A 434 8.95 -10.39 18.14
C LEU A 434 8.83 -10.72 16.64
N ARG A 435 9.97 -11.01 15.96
CA ARG A 435 9.99 -11.40 14.54
C ARG A 435 10.17 -12.93 14.40
N VAL A 436 9.04 -13.66 14.15
CA VAL A 436 8.97 -15.13 14.11
C VAL A 436 8.96 -15.72 12.65
N ARG A 437 9.67 -16.87 12.47
CA ARG A 437 9.89 -17.66 11.26
C ARG A 437 9.35 -19.09 11.42
N ARG A 438 8.84 -19.67 10.31
CA ARG A 438 8.30 -21.03 10.24
C ARG A 438 8.70 -21.69 8.92
N LYS A 439 9.17 -22.94 8.99
CA LYS A 439 9.56 -23.72 7.82
C LYS A 439 8.34 -24.53 7.39
N ASN A 440 7.97 -24.42 6.09
CA ASN A 440 6.81 -25.12 5.53
C ASN A 440 7.09 -26.62 5.50
N PRO A 441 6.26 -27.44 6.17
CA PRO A 441 6.48 -28.89 6.14
C PRO A 441 6.29 -29.57 4.77
N VAL A 442 5.69 -28.85 3.79
CA VAL A 442 5.42 -29.38 2.45
C VAL A 442 6.34 -28.72 1.40
N THR A 443 6.11 -27.42 1.06
CA THR A 443 6.89 -26.67 0.04
C THR A 443 8.35 -26.40 0.45
N SER A 444 8.68 -26.61 1.74
CA SER A 444 9.99 -26.37 2.34
C SER A 444 10.40 -24.91 2.07
N THR A 445 9.53 -23.96 2.48
CA THR A 445 9.72 -22.50 2.33
C THR A 445 9.61 -21.81 3.68
N PHE A 446 10.36 -20.71 3.84
CA PHE A 446 10.36 -19.93 5.09
C PHE A 446 9.32 -18.83 5.01
N SER A 447 8.47 -18.76 6.04
CA SER A 447 7.38 -17.79 6.15
C SER A 447 7.61 -16.91 7.40
N LYS A 448 7.59 -15.57 7.25
CA LYS A 448 7.85 -14.68 8.37
C LYS A 448 6.65 -13.78 8.71
N MET A 449 6.50 -13.47 10.02
CA MET A 449 5.48 -12.59 10.59
C MET A 449 6.00 -11.88 11.86
N SER A 450 5.39 -10.75 12.23
CA SER A 450 5.79 -10.02 13.44
C SER A 450 4.61 -9.77 14.39
N LEU A 451 4.84 -10.02 15.68
CA LEU A 451 3.84 -9.89 16.74
C LEU A 451 4.13 -8.69 17.62
N GLN A 452 3.10 -7.88 17.93
CA GLN A 452 3.27 -6.68 18.73
C GLN A 452 2.15 -6.44 19.73
N LEU A 453 2.49 -6.21 21.01
CA LEU A 453 1.48 -5.90 22.01
C LEU A 453 1.29 -4.39 22.17
N TYR A 454 0.04 -3.96 22.04
CA TYR A 454 -0.38 -2.56 22.20
C TYR A 454 -1.33 -2.49 23.38
N GLN A 455 -1.44 -1.32 24.01
CA GLN A 455 -2.35 -1.13 25.12
C GLN A 455 -3.60 -0.47 24.58
N VAL A 456 -4.77 -1.02 24.91
CA VAL A 456 -6.04 -0.46 24.45
C VAL A 456 -6.68 0.37 25.59
N ASP A 457 -7.27 -0.32 26.60
CA ASP A 457 -7.87 0.30 27.78
C ASP A 457 -6.76 0.54 28.77
N SER A 458 -7.15 0.97 29.97
CA SER A 458 -6.26 1.11 31.10
C SER A 458 -6.18 -0.28 31.76
N ARG A 459 -7.09 -1.20 31.33
CA ARG A 459 -7.22 -2.58 31.82
C ARG A 459 -7.08 -3.66 30.71
N THR A 460 -6.99 -3.30 29.40
CA THR A 460 -6.83 -4.31 28.34
C THR A 460 -5.67 -4.01 27.36
N TYR A 461 -5.08 -5.07 26.76
CA TYR A 461 -3.95 -5.05 25.81
C TYR A 461 -4.25 -5.98 24.62
N LEU A 462 -3.76 -5.67 23.38
CA LEU A 462 -4.00 -6.57 22.25
C LEU A 462 -2.74 -6.87 21.43
N LEU A 463 -2.52 -8.16 21.12
CA LEU A 463 -1.40 -8.67 20.34
C LEU A 463 -1.77 -8.58 18.87
N ASP A 464 -0.90 -7.92 18.08
CA ASP A 464 -1.11 -7.70 16.66
C ASP A 464 -0.17 -8.50 15.79
N PHE A 465 -0.76 -9.21 14.81
CA PHE A 465 -0.02 -10.03 13.87
C PHE A 465 0.11 -9.30 12.54
N ARG A 466 1.36 -9.19 12.02
CA ARG A 466 1.64 -8.55 10.73
C ARG A 466 2.54 -9.42 9.84
N SER A 467 2.10 -9.63 8.60
CA SER A 467 2.79 -10.42 7.57
C SER A 467 4.04 -9.70 7.06
N ILE A 468 5.18 -10.42 7.01
CA ILE A 468 6.48 -9.92 6.52
C ILE A 468 6.72 -10.49 5.12
N ASP A 469 6.75 -9.60 4.10
CA ASP A 469 6.92 -10.01 2.71
C ASP A 469 8.39 -10.12 2.28
N ASP A 470 8.76 -11.23 1.60
CA ASP A 470 10.12 -11.51 1.11
C ASP A 470 10.55 -10.54 -0.01
N SER A 485 0.90 -20.58 -1.19
CA SER A 485 0.41 -19.20 -1.03
C SER A 485 0.88 -18.52 0.27
N HIS A 486 1.57 -17.39 0.14
CA HIS A 486 2.13 -16.59 1.23
C HIS A 486 1.06 -16.12 2.23
N THR A 487 -0.07 -15.59 1.71
CA THR A 487 -1.17 -15.04 2.52
C THR A 487 -1.82 -16.14 3.35
N ILE A 488 -2.24 -17.26 2.71
CA ILE A 488 -2.88 -18.37 3.42
C ILE A 488 -1.94 -18.94 4.47
N GLU A 489 -0.64 -19.06 4.14
CA GLU A 489 0.36 -19.55 5.08
C GLU A 489 0.46 -18.66 6.32
N PHE A 490 0.24 -17.33 6.13
CA PHE A 490 0.24 -16.35 7.22
C PHE A 490 -0.95 -16.62 8.14
N PHE A 491 -2.15 -16.77 7.53
CA PHE A 491 -3.37 -17.06 8.25
C PHE A 491 -3.19 -18.30 9.09
N GLU A 492 -2.67 -19.38 8.48
CA GLU A 492 -2.39 -20.66 9.14
C GLU A 492 -1.51 -20.45 10.36
N MET A 493 -0.35 -19.78 10.15
CA MET A 493 0.63 -19.46 11.18
C MET A 493 -0.03 -18.76 12.39
N CYS A 494 -0.86 -17.74 12.12
CA CYS A 494 -1.58 -16.98 13.14
C CYS A 494 -2.61 -17.85 13.86
N ALA A 495 -3.47 -18.55 13.08
CA ALA A 495 -4.56 -19.41 13.55
C ALA A 495 -4.09 -20.34 14.64
N ASN A 496 -3.00 -21.09 14.39
CA ASN A 496 -2.40 -22.03 15.33
C ASN A 496 -2.21 -21.37 16.68
N LEU A 497 -1.51 -20.22 16.67
CA LEU A 497 -1.19 -19.39 17.84
C LEU A 497 -2.41 -18.95 18.62
N ILE A 498 -3.49 -18.56 17.90
CA ILE A 498 -4.73 -18.07 18.47
C ILE A 498 -5.47 -19.14 19.30
N LYS A 499 -5.68 -20.36 18.73
CA LYS A 499 -6.35 -21.47 19.43
C LYS A 499 -5.67 -21.75 20.78
N ILE A 500 -4.35 -21.59 20.83
CA ILE A 500 -3.64 -21.73 22.10
C ILE A 500 -3.39 -20.34 22.72
N LEU A 501 -4.46 -19.48 22.82
CA LEU A 501 -4.35 -18.15 23.43
C LEU A 501 -5.69 -17.51 23.90
N ALA A 502 -5.53 -16.43 24.74
CA ALA A 502 -6.51 -15.61 25.51
C ALA A 502 -7.28 -14.46 24.76
N GLN A 503 -8.60 -14.71 24.46
CA GLN A 503 -9.60 -13.81 23.84
C GLN A 503 -9.17 -13.21 22.49
N PRO B 13 37.77 14.38 -5.94
CA PRO B 13 38.15 15.65 -5.34
C PRO B 13 38.30 15.48 -3.85
N THR B 14 39.48 15.73 -3.32
CA THR B 14 39.68 15.52 -1.90
C THR B 14 39.57 16.82 -1.13
N VAL B 15 39.00 16.78 0.09
CA VAL B 15 38.88 17.94 0.99
C VAL B 15 40.06 17.96 1.97
N PHE B 16 40.69 19.14 2.15
CA PHE B 16 41.80 19.33 3.09
C PHE B 16 41.37 20.39 4.07
N ARG B 17 41.00 19.96 5.28
CA ARG B 17 40.52 20.92 6.25
C ARG B 17 41.36 20.99 7.53
N TRP B 18 41.77 22.21 7.92
CA TRP B 18 42.52 22.45 9.15
C TRP B 18 41.62 23.14 10.16
N THR B 19 41.22 22.39 11.20
CA THR B 19 40.40 22.88 12.30
C THR B 19 41.37 23.29 13.37
N GLY B 20 41.26 24.55 13.75
CA GLY B 20 42.15 25.17 14.70
C GLY B 20 42.49 26.52 14.12
N GLY B 21 42.81 27.46 14.99
CA GLY B 21 43.07 28.84 14.60
C GLY B 21 44.34 29.03 13.81
N GLY B 22 44.51 30.25 13.30
CA GLY B 22 45.66 30.66 12.51
C GLY B 22 45.44 31.91 11.69
N LYS B 23 46.54 32.67 11.45
CA LYS B 23 46.58 33.86 10.60
C LYS B 23 46.80 33.32 9.21
N GLU B 24 47.85 32.51 8.99
CA GLU B 24 48.05 31.89 7.69
C GLU B 24 48.34 30.39 7.79
N VAL B 25 47.65 29.57 6.94
CA VAL B 25 47.75 28.11 6.92
C VAL B 25 47.96 27.63 5.47
N TYR B 26 48.99 26.77 5.22
CA TYR B 26 49.30 26.20 3.88
C TYR B 26 49.33 24.69 3.86
N LEU B 27 49.11 24.11 2.69
CA LEU B 27 49.14 22.67 2.51
C LEU B 27 50.29 22.30 1.57
N SER B 28 51.27 21.51 2.05
CA SER B 28 52.38 20.98 1.23
C SER B 28 52.09 19.52 1.09
N GLY B 29 52.29 18.98 -0.09
CA GLY B 29 51.98 17.57 -0.34
C GLY B 29 52.70 16.97 -1.51
N SER B 30 52.80 15.64 -1.52
CA SER B 30 53.42 14.88 -2.58
C SER B 30 52.71 15.26 -3.90
N PHE B 31 51.36 15.33 -3.89
CA PHE B 31 50.53 15.74 -5.02
C PHE B 31 50.87 17.15 -5.60
N ASN B 32 51.57 18.03 -4.90
CA ASN B 32 51.90 19.32 -5.50
C ASN B 32 53.37 19.65 -5.29
N ASN B 33 54.20 18.59 -5.29
CA ASN B 33 55.66 18.65 -5.10
C ASN B 33 56.06 19.50 -3.89
N TRP B 34 55.30 19.33 -2.81
CA TRP B 34 55.50 19.97 -1.52
C TRP B 34 55.54 21.48 -1.56
N SER B 35 54.77 22.06 -2.51
CA SER B 35 54.68 23.51 -2.62
C SER B 35 53.59 24.03 -1.67
N LYS B 36 53.79 25.19 -1.03
CA LYS B 36 52.83 25.74 -0.09
C LYS B 36 51.59 26.26 -0.81
N LEU B 37 50.50 25.53 -0.65
CA LEU B 37 49.23 25.87 -1.22
C LEU B 37 48.43 26.57 -0.11
N PRO B 38 48.00 27.83 -0.31
CA PRO B 38 47.20 28.52 0.72
C PRO B 38 45.79 27.94 0.88
N LEU B 39 45.34 27.77 2.13
CA LEU B 39 44.01 27.28 2.51
C LEU B 39 43.18 28.48 2.95
N THR B 40 41.98 28.62 2.40
CA THR B 40 41.03 29.69 2.69
C THR B 40 40.35 29.41 4.05
N ARG B 41 40.17 30.46 4.89
CA ARG B 41 39.46 30.33 6.17
C ARG B 41 38.04 30.85 6.05
N GLN B 43 35.91 30.31 9.05
CA GLN B 43 35.91 30.57 10.49
C GLN B 43 36.37 29.27 11.12
N ASN B 44 37.48 29.30 11.93
CA ASN B 44 38.07 28.18 12.70
C ASN B 44 38.52 26.95 11.81
N ASN B 45 37.96 26.87 10.56
CA ASN B 45 38.15 25.89 9.49
C ASN B 45 38.82 26.55 8.29
N PHE B 46 39.99 26.00 7.87
CA PHE B 46 40.79 26.42 6.72
C PHE B 46 40.72 25.27 5.77
N VAL B 47 40.22 25.51 4.56
CA VAL B 47 40.02 24.42 3.63
C VAL B 47 40.49 24.69 2.18
N ALA B 48 40.69 23.57 1.44
CA ALA B 48 41.01 23.49 0.03
C ALA B 48 40.61 22.10 -0.44
N ILE B 49 39.83 22.06 -1.52
CA ILE B 49 39.35 20.86 -2.21
C ILE B 49 40.19 20.80 -3.49
N LEU B 50 40.71 19.62 -3.86
CA LEU B 50 41.52 19.40 -5.08
C LEU B 50 41.44 17.93 -5.49
N ASP B 51 41.27 17.57 -6.80
CA ASP B 51 41.22 16.13 -7.12
C ASP B 51 42.62 15.58 -7.15
N LEU B 52 42.75 14.42 -6.55
CA LEU B 52 44.01 13.73 -6.45
C LEU B 52 43.82 12.38 -7.11
N PRO B 53 44.82 11.88 -7.89
CA PRO B 53 44.65 10.57 -8.49
C PRO B 53 44.50 9.50 -7.41
N GLU B 54 43.57 8.55 -7.61
CA GLU B 54 43.35 7.41 -6.72
C GLU B 54 44.73 6.79 -6.32
N GLY B 55 45.00 6.73 -5.03
CA GLY B 55 46.26 6.23 -4.52
C GLY B 55 46.75 6.89 -3.25
N GLU B 56 48.03 6.64 -2.92
CA GLU B 56 48.66 7.13 -1.69
C GLU B 56 49.30 8.50 -1.89
N HIS B 57 49.04 9.44 -0.96
CA HIS B 57 49.62 10.78 -0.96
C HIS B 57 49.99 11.18 0.46
N GLN B 58 51.10 11.93 0.59
CA GLN B 58 51.55 12.44 1.86
C GLN B 58 51.48 13.95 1.84
N TYR B 59 51.02 14.54 2.94
CA TYR B 59 50.87 15.99 3.09
C TYR B 59 51.25 16.44 4.49
N LYS B 60 51.53 17.72 4.65
CA LYS B 60 51.87 18.35 5.91
C LYS B 60 51.24 19.75 5.85
N PHE B 61 51.19 20.47 7.00
CA PHE B 61 50.64 21.82 7.06
C PHE B 61 51.66 22.85 7.49
N PHE B 62 51.54 24.06 6.93
CA PHE B 62 52.40 25.14 7.36
C PHE B 62 51.54 26.19 8.06
N VAL B 63 51.21 25.92 9.33
CA VAL B 63 50.28 26.70 10.15
C VAL B 63 50.99 27.75 10.95
N ASP B 64 51.05 29.00 10.45
CA ASP B 64 51.69 30.14 11.14
C ASP B 64 53.11 29.88 11.60
N GLY B 65 54.01 29.63 10.64
CA GLY B 65 55.43 29.40 10.91
C GLY B 65 55.82 28.03 11.44
N GLN B 66 54.85 27.14 11.65
CA GLN B 66 55.14 25.79 12.11
C GLN B 66 54.61 24.75 11.16
N TRP B 67 55.48 23.80 10.88
CA TRP B 67 55.16 22.68 10.02
C TRP B 67 54.52 21.64 10.93
N THR B 68 53.23 21.30 10.73
CA THR B 68 52.51 20.30 11.55
C THR B 68 51.71 19.39 10.71
N HIS B 69 51.23 18.33 11.33
CA HIS B 69 50.33 17.42 10.66
C HIS B 69 49.05 17.41 11.50
N ASP B 70 47.93 16.98 10.91
CA ASP B 70 46.66 16.81 11.62
C ASP B 70 46.82 15.48 12.36
N PRO B 71 46.95 15.53 13.72
CA PRO B 71 47.20 14.28 14.49
C PRO B 71 46.03 13.33 14.51
N SER B 72 44.81 13.88 14.26
CA SER B 72 43.55 13.15 14.16
C SER B 72 43.56 12.30 12.88
N GLU B 73 44.34 12.73 11.88
CA GLU B 73 44.52 12.06 10.61
C GLU B 73 45.70 11.10 10.62
N PRO B 74 45.64 9.99 9.85
CA PRO B 74 46.77 9.04 9.84
C PRO B 74 48.14 9.63 9.44
N ILE B 75 49.16 9.20 10.14
CA ILE B 75 50.50 9.68 9.87
C ILE B 75 51.33 8.56 9.27
N VAL B 76 52.62 8.86 9.06
CA VAL B 76 53.68 8.00 8.53
C VAL B 76 55.01 8.65 8.90
N THR B 77 55.85 7.90 9.61
CA THR B 77 57.15 8.43 9.99
C THR B 77 58.26 7.84 9.10
N SER B 78 59.05 8.73 8.48
CA SER B 78 60.13 8.38 7.58
C SER B 78 61.29 7.76 8.30
N GLN B 79 62.13 7.07 7.52
CA GLN B 79 63.41 6.44 7.89
C GLN B 79 64.37 7.57 8.40
N LEU B 80 64.05 8.85 8.02
CA LEU B 80 64.75 10.10 8.35
C LEU B 80 64.06 10.89 9.47
N GLY B 81 62.95 10.35 9.99
CA GLY B 81 62.22 10.95 11.10
C GLY B 81 61.20 12.00 10.75
N THR B 82 60.87 12.11 9.46
CA THR B 82 59.89 13.06 8.92
C THR B 82 58.49 12.52 9.26
N VAL B 83 57.63 13.30 9.98
CA VAL B 83 56.27 12.82 10.26
C VAL B 83 55.21 13.58 9.45
N ASN B 84 54.75 12.96 8.36
CA ASN B 84 53.72 13.55 7.50
C ASN B 84 52.37 12.82 7.63
N ASN B 85 51.28 13.50 7.25
CA ASN B 85 49.99 12.85 7.19
C ASN B 85 49.95 12.01 5.92
N ILE B 86 49.08 11.00 5.91
CA ILE B 86 48.89 10.10 4.78
C ILE B 86 47.41 10.05 4.40
N ILE B 87 47.16 9.83 3.12
CA ILE B 87 45.80 9.75 2.59
C ILE B 87 45.76 8.67 1.52
N GLN B 88 44.78 7.78 1.68
CA GLN B 88 44.52 6.72 0.71
C GLN B 88 43.21 7.10 0.01
N VAL B 89 43.32 7.71 -1.17
CA VAL B 89 42.13 8.11 -1.92
C VAL B 89 41.67 6.89 -2.73
N LYS B 90 40.70 6.16 -2.14
CA LYS B 90 40.08 4.92 -2.64
C LYS B 90 39.04 5.22 -3.71
N LYS B 91 38.82 4.27 -4.63
CA LYS B 91 37.82 4.36 -5.69
C LYS B 91 36.43 4.58 -5.07
N THR B 92 36.15 3.84 -3.97
CA THR B 92 34.92 3.83 -3.17
C THR B 92 34.51 5.23 -2.66
N ASP B 93 35.50 6.08 -2.32
CA ASP B 93 35.29 7.43 -1.82
C ASP B 93 34.65 8.35 -2.85
N PHE B 94 34.72 8.02 -4.16
CA PHE B 94 34.17 8.84 -5.25
C PHE B 94 32.65 8.65 -5.51
N GLU B 95 32.08 7.44 -5.27
CA GLU B 95 30.65 7.16 -5.48
C GLU B 95 29.84 7.03 -4.18
N VAL B 96 28.89 7.96 -4.00
CA VAL B 96 27.97 8.18 -2.87
C VAL B 96 27.46 6.93 -2.18
N PHE B 97 26.81 6.03 -2.93
CA PHE B 97 26.20 4.82 -2.38
C PHE B 97 27.22 3.80 -1.99
N ASP B 98 28.39 3.78 -2.69
CA ASP B 98 29.53 2.89 -2.40
C ASP B 98 30.20 3.36 -1.10
N ALA B 99 30.40 4.69 -1.00
CA ALA B 99 31.00 5.36 0.15
C ALA B 99 30.11 5.21 1.39
N LEU B 100 28.78 5.30 1.24
CA LEU B 100 27.83 5.13 2.35
C LEU B 100 27.74 3.66 2.80
N MET B 101 27.98 2.73 1.88
CA MET B 101 27.96 1.29 2.20
C MET B 101 29.25 0.94 2.96
N VAL B 102 30.38 1.54 2.55
CA VAL B 102 31.68 1.32 3.20
C VAL B 102 31.76 2.07 4.56
N ASP B 103 30.80 3.00 4.79
CA ASP B 103 30.65 3.81 6.00
C ASP B 103 29.93 3.07 7.13
N SER B 104 28.89 2.28 6.80
CA SER B 104 28.07 1.49 7.74
C SER B 104 28.85 0.27 8.34
N GLN B 105 30.19 0.45 8.52
CA GLN B 105 31.15 -0.53 9.04
C GLN B 105 32.46 0.16 9.52
N LYS B 135 10.31 -0.56 30.31
CA LYS B 135 9.44 -0.19 29.19
C LYS B 135 8.00 -0.68 29.40
N ALA B 136 7.06 -0.04 28.70
CA ALA B 136 5.62 -0.36 28.70
C ALA B 136 5.16 -0.58 27.24
N PRO B 137 4.08 -1.37 26.99
CA PRO B 137 3.67 -1.59 25.59
C PRO B 137 3.13 -0.32 24.91
N PRO B 138 3.44 -0.08 23.59
CA PRO B 138 2.93 1.13 22.92
C PRO B 138 1.41 1.24 22.97
N ILE B 139 0.87 2.44 22.74
CA ILE B 139 -0.59 2.56 22.71
C ILE B 139 -1.06 2.17 21.29
N LEU B 140 -2.26 1.60 21.20
CA LEU B 140 -2.79 1.15 19.92
C LEU B 140 -3.12 2.32 18.99
N PRO B 141 -2.47 2.43 17.81
CA PRO B 141 -2.81 3.51 16.86
C PRO B 141 -4.26 3.36 16.34
N PRO B 142 -5.09 4.45 16.32
CA PRO B 142 -6.51 4.33 15.94
C PRO B 142 -6.75 3.80 14.54
N HIS B 143 -5.73 3.96 13.69
CA HIS B 143 -5.64 3.56 12.30
C HIS B 143 -5.94 2.10 12.17
N LEU B 144 -5.41 1.24 13.09
CA LEU B 144 -5.61 -0.20 13.03
C LEU B 144 -7.03 -0.65 13.37
N LEU B 145 -7.90 0.29 13.76
CA LEU B 145 -9.30 -0.03 14.06
C LEU B 145 -10.22 0.40 12.92
N GLN B 146 -9.61 0.93 11.84
CA GLN B 146 -10.31 1.37 10.63
C GLN B 146 -10.21 0.26 9.58
N VAL B 147 -11.25 -0.58 9.53
CA VAL B 147 -11.32 -1.69 8.58
C VAL B 147 -12.01 -1.22 7.26
N ILE B 148 -12.12 -2.11 6.24
CA ILE B 148 -12.76 -1.81 4.96
C ILE B 148 -13.92 -2.81 4.67
N LEU B 149 -14.09 -3.83 5.57
CA LEU B 149 -15.12 -4.87 5.48
C LEU B 149 -16.47 -4.50 6.13
N ASN B 150 -16.42 -3.73 7.24
CA ASN B 150 -17.61 -3.24 7.94
C ASN B 150 -18.12 -1.97 7.20
N LYS B 151 -17.25 -0.93 7.09
CA LYS B 151 -17.53 0.34 6.39
C LYS B 151 -17.47 0.19 4.87
N SER B 156 -27.62 -3.40 -4.96
CA SER B 156 -27.22 -2.01 -5.07
C SER B 156 -25.76 -1.86 -5.51
N CYS B 157 -24.81 -2.38 -4.68
CA CYS B 157 -23.36 -2.34 -4.92
C CYS B 157 -22.73 -3.75 -4.93
N ASP B 158 -21.51 -3.87 -5.50
CA ASP B 158 -20.75 -5.13 -5.61
C ASP B 158 -20.15 -5.55 -4.26
N PRO B 159 -20.54 -6.74 -3.71
CA PRO B 159 -19.99 -7.17 -2.40
C PRO B 159 -18.49 -7.48 -2.49
N ALA B 160 -18.03 -7.77 -3.72
CA ALA B 160 -16.64 -8.07 -4.08
C ALA B 160 -15.81 -6.80 -3.93
N LEU B 161 -16.30 -5.66 -4.47
CA LEU B 161 -15.60 -4.37 -4.40
C LEU B 161 -15.55 -3.83 -2.99
N LEU B 162 -14.45 -3.13 -2.67
CA LEU B 162 -14.15 -2.59 -1.34
C LEU B 162 -13.42 -1.26 -1.41
N PRO B 163 -13.44 -0.44 -0.31
CA PRO B 163 -12.66 0.81 -0.33
C PRO B 163 -11.16 0.57 -0.30
N GLU B 164 -10.39 1.57 -0.71
CA GLU B 164 -8.94 1.50 -0.70
C GLU B 164 -8.49 1.65 0.79
N PRO B 165 -7.50 0.84 1.28
CA PRO B 165 -7.07 0.97 2.70
C PRO B 165 -5.92 1.93 2.97
N ASN B 166 -5.70 2.35 4.25
CA ASN B 166 -4.51 3.18 4.52
C ASN B 166 -3.38 2.19 4.65
N HIS B 167 -2.26 2.44 3.93
CA HIS B 167 -1.05 1.60 3.88
C HIS B 167 -0.74 0.89 5.19
N VAL B 168 -0.96 1.60 6.30
CA VAL B 168 -0.69 1.25 7.68
C VAL B 168 -1.43 -0.01 8.18
N MET B 169 -2.59 -0.33 7.60
CA MET B 169 -3.39 -1.49 8.03
C MET B 169 -3.21 -2.73 7.12
N LEU B 170 -2.35 -2.63 6.09
CA LEU B 170 -2.03 -3.74 5.20
C LEU B 170 -1.20 -4.78 5.94
N ASN B 171 -1.37 -6.07 5.59
CA ASN B 171 -0.70 -7.26 6.14
C ASN B 171 -1.09 -7.61 7.58
N HIS B 172 -1.89 -6.75 8.27
CA HIS B 172 -2.36 -7.02 9.63
C HIS B 172 -3.47 -8.07 9.68
N LEU B 173 -3.41 -8.98 10.67
CA LEU B 173 -4.42 -10.00 10.82
C LEU B 173 -5.60 -9.52 11.65
N TYR B 174 -6.79 -9.73 11.10
CA TYR B 174 -8.08 -9.44 11.68
C TYR B 174 -8.82 -10.80 11.66
N ALA B 175 -9.77 -10.97 12.59
CA ALA B 175 -10.53 -12.21 12.71
C ALA B 175 -11.88 -11.95 13.31
N LEU B 176 -12.85 -12.81 12.95
CA LEU B 176 -14.20 -12.82 13.48
C LEU B 176 -14.20 -13.73 14.68
N SER B 177 -15.18 -13.55 15.57
CA SER B 177 -15.33 -14.39 16.76
C SER B 177 -15.58 -15.83 16.29
N ILE B 178 -14.99 -16.83 16.98
CA ILE B 178 -15.15 -18.23 16.59
C ILE B 178 -16.55 -18.74 16.94
N LYS B 179 -17.45 -18.78 15.93
CA LYS B 179 -18.83 -19.27 16.03
C LYS B 179 -18.95 -20.56 15.23
N ASP B 180 -19.44 -21.63 15.85
CA ASP B 180 -19.63 -22.97 15.26
C ASP B 180 -18.31 -23.74 15.15
N GLY B 181 -17.34 -23.37 15.96
CA GLY B 181 -16.04 -24.03 15.98
C GLY B 181 -15.27 -23.84 14.69
N VAL B 182 -15.59 -22.77 13.95
CA VAL B 182 -14.93 -22.41 12.71
C VAL B 182 -14.42 -20.94 12.79
N MET B 183 -13.10 -20.80 12.66
CA MET B 183 -12.36 -19.55 12.70
C MET B 183 -12.43 -18.90 11.33
N VAL B 184 -12.49 -17.55 11.30
CA VAL B 184 -12.48 -16.77 10.06
C VAL B 184 -11.37 -15.75 10.23
N LEU B 185 -10.34 -15.83 9.38
CA LEU B 185 -9.23 -14.88 9.42
C LEU B 185 -9.26 -14.05 8.15
N SER B 186 -8.80 -12.78 8.23
CA SER B 186 -8.80 -11.87 7.09
C SER B 186 -7.67 -10.88 7.14
N ALA B 187 -7.19 -10.43 5.94
CA ALA B 187 -6.13 -9.41 5.78
C ALA B 187 -6.11 -8.81 4.37
N THR B 188 -5.70 -7.53 4.26
CA THR B 188 -5.58 -6.82 2.97
C THR B 188 -4.13 -6.75 2.59
N HIS B 189 -3.81 -7.20 1.38
CA HIS B 189 -2.47 -7.18 0.86
C HIS B 189 -2.43 -6.42 -0.44
N ARG B 190 -1.31 -5.74 -0.73
CA ARG B 190 -1.24 -5.06 -2.00
C ARG B 190 -0.35 -5.80 -2.96
N TYR B 191 -0.85 -5.97 -4.19
CA TYR B 191 -0.16 -6.56 -5.32
C TYR B 191 -0.12 -5.45 -6.34
N LYS B 192 1.08 -4.86 -6.50
CA LYS B 192 1.35 -3.75 -7.41
C LYS B 192 0.49 -2.53 -7.00
N LYS B 193 -0.34 -2.00 -7.90
CA LYS B 193 -1.16 -0.80 -7.65
C LYS B 193 -2.64 -1.11 -7.31
N LYS B 194 -2.93 -2.38 -6.91
CA LYS B 194 -4.26 -2.88 -6.56
C LYS B 194 -4.17 -3.55 -5.19
N TYR B 195 -5.33 -3.82 -4.52
CA TYR B 195 -5.37 -4.47 -3.19
C TYR B 195 -6.35 -5.66 -3.14
N VAL B 196 -6.02 -6.68 -2.30
CA VAL B 196 -6.86 -7.88 -2.09
C VAL B 196 -7.04 -8.22 -0.62
N THR B 197 -8.30 -8.17 -0.14
CA THR B 197 -8.67 -8.55 1.23
C THR B 197 -9.13 -10.01 1.19
N THR B 198 -8.24 -10.94 1.59
CA THR B 198 -8.49 -12.39 1.58
C THR B 198 -8.97 -12.90 2.92
N LEU B 199 -10.10 -13.63 2.91
CA LEU B 199 -10.62 -14.19 4.15
C LEU B 199 -10.76 -15.70 4.09
N LEU B 200 -10.04 -16.34 5.00
CA LEU B 200 -9.97 -17.78 5.15
C LEU B 200 -10.98 -18.32 6.15
N TYR B 201 -11.79 -19.28 5.68
CA TYR B 201 -12.74 -20.00 6.52
C TYR B 201 -12.01 -21.27 6.88
N LYS B 202 -11.67 -21.41 8.16
CA LYS B 202 -10.86 -22.53 8.66
C LYS B 202 -11.46 -23.16 9.91
N PRO B 203 -11.62 -24.50 9.95
CA PRO B 203 -12.09 -25.13 11.18
C PRO B 203 -10.94 -25.20 12.22
N ILE B 204 -11.30 -25.41 13.50
CA ILE B 204 -10.36 -25.53 14.64
C ILE B 204 -10.81 -26.64 15.58
N TYR C 28 -10.48 -6.98 -32.56
CA TYR C 28 -11.17 -7.42 -31.34
C TYR C 28 -10.37 -8.50 -30.61
N THR C 29 -9.98 -9.55 -31.35
CA THR C 29 -9.20 -10.70 -30.85
C THR C 29 -7.75 -10.30 -30.57
N THR C 30 -7.16 -9.45 -31.41
CA THR C 30 -5.77 -9.01 -31.21
C THR C 30 -5.66 -8.03 -30.02
N PHE C 31 -6.80 -7.40 -29.62
CA PHE C 31 -6.86 -6.48 -28.49
C PHE C 31 -6.65 -7.22 -27.17
N MET C 32 -7.25 -8.42 -27.08
CA MET C 32 -7.18 -9.31 -25.91
C MET C 32 -5.77 -9.87 -25.71
N LYS C 33 -5.07 -10.15 -26.82
CA LYS C 33 -3.71 -10.70 -26.87
C LYS C 33 -2.67 -9.76 -26.25
N SER C 34 -2.95 -8.44 -26.24
CA SER C 34 -2.06 -7.40 -25.73
C SER C 34 -2.28 -7.07 -24.27
N HIS C 35 -3.56 -6.89 -23.87
CA HIS C 35 -3.97 -6.53 -22.52
C HIS C 35 -3.79 -7.65 -21.50
N ARG C 36 -3.08 -7.33 -20.39
CA ARG C 36 -2.79 -8.27 -19.31
C ARG C 36 -4.01 -8.47 -18.39
N CYS C 37 -4.08 -9.65 -17.72
CA CYS C 37 -5.14 -10.01 -16.79
C CYS C 37 -5.25 -8.99 -15.65
N TYR C 38 -4.10 -8.47 -15.21
CA TYR C 38 -3.98 -7.46 -14.17
C TYR C 38 -4.86 -6.24 -14.47
N ASP C 39 -4.81 -5.72 -15.72
CA ASP C 39 -5.57 -4.53 -16.17
C ASP C 39 -7.08 -4.61 -15.88
N LEU C 40 -7.59 -5.83 -15.58
CA LEU C 40 -8.98 -6.13 -15.27
C LEU C 40 -9.24 -6.41 -13.79
N ILE C 41 -8.16 -6.59 -12.99
CA ILE C 41 -8.28 -6.82 -11.54
C ILE C 41 -8.73 -5.48 -10.93
N PRO C 42 -9.78 -5.40 -10.06
CA PRO C 42 -10.17 -4.08 -9.54
C PRO C 42 -9.19 -3.52 -8.51
N THR C 43 -9.32 -2.20 -8.29
CA THR C 43 -8.53 -1.36 -7.39
C THR C 43 -8.41 -1.98 -5.98
N SER C 44 -9.54 -2.53 -5.45
CA SER C 44 -9.65 -3.23 -4.17
C SER C 44 -10.81 -4.21 -4.21
N SER C 45 -10.50 -5.50 -4.03
CA SER C 45 -11.48 -6.57 -4.05
C SER C 45 -11.41 -7.45 -2.78
N LYS C 46 -12.42 -8.34 -2.60
CA LYS C 46 -12.59 -9.30 -1.53
C LYS C 46 -12.44 -10.71 -2.10
N LEU C 47 -11.64 -11.57 -1.44
CA LEU C 47 -11.47 -12.95 -1.86
C LEU C 47 -11.74 -13.90 -0.72
N VAL C 48 -12.79 -14.72 -0.86
CA VAL C 48 -13.16 -15.73 0.13
C VAL C 48 -12.50 -17.07 -0.26
N VAL C 49 -11.73 -17.63 0.68
CA VAL C 49 -11.01 -18.90 0.50
C VAL C 49 -11.48 -19.87 1.57
N PHE C 50 -11.85 -21.10 1.17
CA PHE C 50 -12.29 -22.11 2.13
C PHE C 50 -11.21 -23.16 2.30
N ASP C 51 -11.03 -23.65 3.54
CA ASP C 51 -10.14 -24.77 3.84
C ASP C 51 -11.00 -26.01 3.44
N THR C 52 -10.40 -27.05 2.81
CA THR C 52 -11.13 -28.25 2.37
C THR C 52 -11.79 -29.03 3.52
N SER C 53 -11.27 -28.85 4.74
CA SER C 53 -11.76 -29.45 5.97
C SER C 53 -13.05 -28.76 6.48
N LEU C 54 -13.42 -27.62 5.89
CA LEU C 54 -14.62 -26.89 6.29
C LEU C 54 -15.84 -27.67 5.88
N GLN C 55 -16.87 -27.67 6.74
CA GLN C 55 -18.13 -28.34 6.48
C GLN C 55 -18.75 -27.69 5.23
N VAL C 56 -19.20 -28.52 4.28
CA VAL C 56 -19.71 -28.09 2.99
C VAL C 56 -20.94 -27.16 3.13
N LYS C 57 -21.83 -27.39 4.13
CA LYS C 57 -23.02 -26.55 4.34
C LYS C 57 -22.59 -25.12 4.68
N LYS C 58 -21.63 -24.97 5.63
CA LYS C 58 -21.05 -23.69 6.07
C LYS C 58 -20.40 -22.97 4.89
N ALA C 59 -19.78 -23.76 4.00
CA ALA C 59 -19.11 -23.29 2.80
C ALA C 59 -20.08 -22.62 1.82
N PHE C 60 -21.30 -23.18 1.65
CA PHE C 60 -22.31 -22.58 0.77
C PHE C 60 -22.94 -21.35 1.41
N PHE C 61 -23.20 -21.44 2.73
CA PHE C 61 -23.75 -20.33 3.47
C PHE C 61 -22.75 -19.15 3.41
N ALA C 62 -21.41 -19.45 3.42
CA ALA C 62 -20.35 -18.43 3.34
C ALA C 62 -20.36 -17.72 1.99
N LEU C 63 -20.65 -18.45 0.88
CA LEU C 63 -20.73 -17.84 -0.45
C LEU C 63 -21.80 -16.74 -0.41
N VAL C 64 -22.97 -17.08 0.14
CA VAL C 64 -24.11 -16.19 0.29
C VAL C 64 -23.78 -15.01 1.21
N THR C 65 -23.33 -15.29 2.45
CA THR C 65 -23.07 -14.24 3.43
C THR C 65 -22.07 -13.26 2.94
N ASN C 66 -21.03 -13.74 2.24
CA ASN C 66 -19.99 -12.87 1.66
C ASN C 66 -20.42 -12.14 0.40
N GLY C 67 -21.43 -12.67 -0.27
CA GLY C 67 -21.92 -12.10 -1.51
C GLY C 67 -20.96 -12.41 -2.64
N VAL C 68 -20.46 -13.64 -2.65
CA VAL C 68 -19.55 -14.13 -3.67
C VAL C 68 -20.18 -15.36 -4.35
N ARG C 69 -19.80 -15.66 -5.60
CA ARG C 69 -20.39 -16.78 -6.33
C ARG C 69 -19.44 -18.01 -6.39
N ALA C 70 -18.14 -17.81 -6.09
CA ALA C 70 -17.14 -18.88 -6.11
C ALA C 70 -16.01 -18.61 -5.14
N ALA C 71 -15.36 -19.68 -4.67
CA ALA C 71 -14.29 -19.57 -3.68
C ALA C 71 -13.21 -20.61 -3.87
N PRO C 72 -11.93 -20.21 -3.93
CA PRO C 72 -10.86 -21.19 -4.09
C PRO C 72 -10.65 -22.03 -2.83
N LEU C 73 -10.40 -23.31 -3.03
CA LEU C 73 -10.21 -24.26 -1.94
C LEU C 73 -8.75 -24.54 -1.66
N TRP C 74 -8.38 -24.43 -0.38
CA TRP C 74 -7.03 -24.65 0.15
C TRP C 74 -6.97 -25.94 1.00
N ASP C 75 -6.09 -26.87 0.60
CA ASP C 75 -5.86 -28.11 1.34
C ASP C 75 -4.63 -27.83 2.19
N SER C 76 -4.78 -27.89 3.53
CA SER C 76 -3.67 -27.62 4.45
C SER C 76 -2.58 -28.71 4.33
N LYS C 77 -2.98 -29.99 4.19
CA LYS C 77 -2.06 -31.13 4.07
C LYS C 77 -1.26 -31.09 2.75
N LYS C 78 -1.88 -30.56 1.68
CA LYS C 78 -1.28 -30.41 0.34
C LYS C 78 -0.52 -29.09 0.20
N GLN C 79 -0.86 -28.07 1.03
CA GLN C 79 -0.30 -26.70 1.04
C GLN C 79 -0.44 -26.00 -0.32
N SER C 80 -1.60 -26.20 -0.98
CA SER C 80 -1.89 -25.64 -2.30
C SER C 80 -3.38 -25.50 -2.55
N PHE C 81 -3.73 -24.64 -3.52
CA PHE C 81 -5.10 -24.44 -3.96
C PHE C 81 -5.46 -25.64 -4.85
N VAL C 82 -6.36 -26.49 -4.37
CA VAL C 82 -6.76 -27.72 -5.07
C VAL C 82 -7.85 -27.50 -6.12
N GLY C 83 -8.76 -26.56 -5.84
CA GLY C 83 -9.86 -26.27 -6.74
C GLY C 83 -10.71 -25.09 -6.34
N MET C 84 -11.98 -25.08 -6.78
CA MET C 84 -12.92 -24.00 -6.55
C MET C 84 -14.29 -24.51 -6.19
N LEU C 85 -14.95 -23.84 -5.23
CA LEU C 85 -16.31 -24.17 -4.81
C LEU C 85 -17.27 -23.18 -5.45
N THR C 86 -18.14 -23.69 -6.33
CA THR C 86 -19.14 -22.91 -7.08
C THR C 86 -20.58 -23.39 -6.77
N ILE C 87 -21.61 -22.69 -7.31
CA ILE C 87 -23.03 -23.02 -7.14
C ILE C 87 -23.33 -24.36 -7.79
N THR C 88 -22.50 -24.78 -8.77
CA THR C 88 -22.62 -26.06 -9.45
C THR C 88 -22.47 -27.17 -8.41
N ASP C 89 -21.54 -26.99 -7.45
CA ASP C 89 -21.28 -27.89 -6.33
C ASP C 89 -22.55 -28.08 -5.47
N PHE C 90 -23.30 -26.98 -5.25
CA PHE C 90 -24.54 -26.97 -4.50
C PHE C 90 -25.59 -27.73 -5.28
N ILE C 91 -25.72 -27.39 -6.59
CA ILE C 91 -26.65 -28.05 -7.54
C ILE C 91 -26.41 -29.55 -7.50
N ASN C 92 -25.14 -29.95 -7.59
CA ASN C 92 -24.71 -31.33 -7.56
C ASN C 92 -25.05 -32.05 -6.26
N ILE C 93 -24.63 -31.48 -5.10
CA ILE C 93 -24.92 -32.08 -3.79
C ILE C 93 -26.44 -32.35 -3.66
N LEU C 94 -27.23 -31.29 -3.92
CA LEU C 94 -28.67 -31.29 -3.83
C LEU C 94 -29.27 -32.43 -4.61
N HIS C 95 -28.95 -32.51 -5.91
CA HIS C 95 -29.50 -33.55 -6.76
C HIS C 95 -29.00 -34.97 -6.42
N ARG C 96 -27.68 -35.13 -6.19
CA ARG C 96 -27.07 -36.41 -5.86
C ARG C 96 -27.61 -36.99 -4.54
N TYR C 97 -28.05 -36.12 -3.61
CA TYR C 97 -28.47 -36.58 -2.30
C TYR C 97 -29.88 -36.20 -1.80
N TYR C 98 -30.74 -35.57 -2.63
CA TYR C 98 -32.08 -35.21 -2.16
C TYR C 98 -32.97 -36.44 -2.03
N LYS C 99 -33.38 -36.79 -0.78
CA LYS C 99 -34.24 -37.95 -0.54
C LYS C 99 -35.70 -37.52 -0.71
N SER C 100 -36.16 -36.54 0.08
CA SER C 100 -37.50 -35.92 -0.01
C SER C 100 -37.57 -34.65 0.87
N ALA C 101 -38.78 -34.06 0.97
CA ALA C 101 -39.01 -32.88 1.79
C ALA C 101 -39.09 -33.26 3.28
N LEU C 102 -39.53 -34.52 3.57
CA LEU C 102 -39.68 -35.12 4.90
C LEU C 102 -38.35 -35.66 5.45
N VAL C 103 -37.26 -35.64 4.63
CA VAL C 103 -35.94 -36.20 5.02
C VAL C 103 -34.82 -35.25 4.75
N GLN C 104 -34.00 -35.05 5.79
CA GLN C 104 -32.79 -34.23 5.77
C GLN C 104 -31.78 -34.74 4.76
N ILE C 105 -30.99 -33.83 4.20
CA ILE C 105 -29.95 -34.24 3.30
C ILE C 105 -28.79 -34.38 4.24
N TYR C 106 -28.57 -35.58 4.74
CA TYR C 106 -27.51 -35.80 5.70
C TYR C 106 -26.15 -35.49 5.12
N GLU C 107 -25.93 -35.85 3.87
CA GLU C 107 -24.64 -35.59 3.26
C GLU C 107 -24.35 -34.09 3.21
N LEU C 108 -25.33 -33.28 2.88
CA LEU C 108 -25.09 -31.82 2.82
C LEU C 108 -24.83 -31.22 4.21
N GLU C 109 -25.65 -31.64 5.20
CA GLU C 109 -25.57 -31.19 6.57
C GLU C 109 -24.27 -31.59 7.22
N GLU C 110 -23.77 -32.80 6.95
CA GLU C 110 -22.54 -33.25 7.58
C GLU C 110 -21.54 -33.86 6.61
N HIS C 111 -20.93 -33.04 5.76
CA HIS C 111 -19.91 -33.45 4.80
C HIS C 111 -18.91 -32.33 4.74
N LYS C 112 -17.61 -32.65 4.63
CA LYS C 112 -16.57 -31.63 4.47
C LYS C 112 -16.41 -31.43 2.97
N ILE C 113 -15.76 -30.33 2.56
CA ILE C 113 -15.52 -30.00 1.15
C ILE C 113 -14.68 -31.10 0.46
N GLU C 114 -13.69 -31.66 1.18
CA GLU C 114 -12.85 -32.74 0.65
C GLU C 114 -13.62 -34.05 0.58
N THR C 115 -14.40 -34.42 1.65
CA THR C 115 -15.22 -35.65 1.69
C THR C 115 -16.17 -35.69 0.50
N TRP C 116 -16.65 -34.50 0.08
CA TRP C 116 -17.53 -34.39 -1.06
C TRP C 116 -16.76 -34.36 -2.38
N ARG C 117 -15.67 -33.58 -2.51
CA ARG C 117 -14.86 -33.55 -3.73
C ARG C 117 -14.30 -34.96 -4.07
N GLU C 118 -14.11 -35.81 -3.03
CA GLU C 118 -13.65 -37.19 -3.13
C GLU C 118 -14.70 -38.06 -3.81
N VAL C 119 -15.99 -37.74 -3.60
CA VAL C 119 -17.18 -38.41 -4.16
C VAL C 119 -17.44 -37.90 -5.58
N TYR C 120 -17.69 -36.58 -5.71
CA TYR C 120 -17.98 -35.82 -6.91
C TYR C 120 -17.04 -36.19 -8.06
N LEU C 121 -15.74 -36.21 -7.78
CA LEU C 121 -14.67 -36.57 -8.70
C LEU C 121 -13.98 -37.76 -8.06
N GLN C 122 -14.11 -38.95 -8.67
CA GLN C 122 -13.50 -40.17 -8.15
C GLN C 122 -12.65 -40.85 -9.25
N ASP C 123 -13.31 -41.57 -10.19
CA ASP C 123 -12.69 -42.22 -11.35
C ASP C 123 -12.34 -41.16 -12.39
N SER C 124 -12.96 -39.96 -12.24
CA SER C 124 -12.76 -38.74 -13.03
C SER C 124 -11.97 -37.76 -12.16
N PHE C 125 -10.91 -37.14 -12.72
CA PHE C 125 -10.05 -36.17 -12.01
C PHE C 125 -9.82 -34.86 -12.81
N LYS C 126 -10.37 -33.72 -12.29
CA LYS C 126 -10.28 -32.40 -12.94
C LYS C 126 -9.39 -31.39 -12.17
N PRO C 127 -8.04 -31.36 -12.45
CA PRO C 127 -7.14 -30.45 -11.72
C PRO C 127 -7.44 -28.95 -11.85
N LEU C 128 -6.88 -28.14 -10.90
CA LEU C 128 -7.08 -26.68 -10.84
C LEU C 128 -6.60 -25.92 -12.07
N VAL C 129 -7.50 -25.11 -12.64
CA VAL C 129 -7.25 -24.23 -13.77
C VAL C 129 -6.99 -22.84 -13.19
N CYS C 130 -5.88 -22.19 -13.58
CA CYS C 130 -5.56 -20.84 -13.11
C CYS C 130 -4.80 -20.04 -14.16
N ILE C 131 -4.66 -18.73 -13.89
CA ILE C 131 -3.99 -17.79 -14.79
C ILE C 131 -3.08 -16.83 -14.00
N SER C 132 -2.03 -16.33 -14.65
CA SER C 132 -1.13 -15.36 -14.03
C SER C 132 -1.70 -13.95 -14.28
N PRO C 133 -1.45 -12.94 -13.40
CA PRO C 133 -1.95 -11.58 -13.69
C PRO C 133 -1.26 -10.95 -14.89
N ASN C 134 -0.02 -11.40 -15.18
CA ASN C 134 0.81 -10.92 -16.30
C ASN C 134 0.49 -11.64 -17.60
N ALA C 135 -0.39 -12.66 -17.54
CA ALA C 135 -0.83 -13.38 -18.73
C ALA C 135 -1.84 -12.50 -19.47
N SER C 136 -1.99 -12.72 -20.78
CA SER C 136 -2.92 -11.92 -21.60
C SER C 136 -4.39 -12.31 -21.42
N LEU C 137 -5.28 -11.36 -21.77
CA LEU C 137 -6.74 -11.52 -21.73
C LEU C 137 -7.19 -12.58 -22.72
N PHE C 138 -6.42 -12.76 -23.83
CA PHE C 138 -6.67 -13.78 -24.86
C PHE C 138 -6.44 -15.16 -24.25
N ASP C 139 -5.33 -15.31 -23.49
CA ASP C 139 -4.96 -16.54 -22.79
C ASP C 139 -6.04 -16.88 -21.75
N ALA C 140 -6.62 -15.84 -21.11
CA ALA C 140 -7.70 -15.94 -20.14
C ALA C 140 -9.02 -16.44 -20.77
N VAL C 141 -9.41 -15.85 -21.94
CA VAL C 141 -10.62 -16.24 -22.69
C VAL C 141 -10.48 -17.71 -23.11
N SER C 142 -9.31 -18.09 -23.68
CA SER C 142 -8.97 -19.46 -24.11
C SER C 142 -9.13 -20.43 -22.93
N SER C 143 -8.37 -20.21 -21.82
CA SER C 143 -8.43 -21.02 -20.58
C SER C 143 -9.87 -21.32 -20.14
N LEU C 144 -10.79 -20.34 -20.29
CA LEU C 144 -12.19 -20.48 -19.94
C LEU C 144 -12.95 -21.49 -20.81
N ILE C 145 -12.84 -21.36 -22.15
CA ILE C 145 -13.52 -22.24 -23.11
C ILE C 145 -12.84 -23.63 -23.17
N ARG C 146 -11.49 -23.64 -23.29
CA ARG C 146 -10.61 -24.84 -23.35
C ARG C 146 -10.95 -25.85 -22.23
N ASN C 147 -11.08 -25.34 -20.98
CA ASN C 147 -11.39 -26.14 -19.80
C ASN C 147 -12.89 -26.16 -19.47
N LYS C 148 -13.73 -25.48 -20.33
CA LYS C 148 -15.20 -25.41 -20.20
C LYS C 148 -15.55 -24.94 -18.78
N ILE C 149 -15.29 -23.67 -18.49
CA ILE C 149 -15.45 -23.09 -17.16
C ILE C 149 -15.95 -21.62 -17.20
N HIS C 150 -16.44 -21.09 -16.04
CA HIS C 150 -16.95 -19.71 -15.94
C HIS C 150 -16.16 -18.81 -14.97
N ARG C 151 -15.39 -19.43 -14.04
CA ARG C 151 -14.58 -18.74 -13.02
C ARG C 151 -13.11 -19.15 -13.16
N LEU C 152 -12.25 -18.19 -13.49
CA LEU C 152 -10.81 -18.43 -13.65
C LEU C 152 -10.01 -17.67 -12.57
N PRO C 153 -9.37 -18.37 -11.60
CA PRO C 153 -8.64 -17.63 -10.56
C PRO C 153 -7.28 -17.15 -11.03
N VAL C 154 -7.02 -15.87 -10.80
CA VAL C 154 -5.79 -15.18 -11.17
C VAL C 154 -4.85 -15.25 -9.98
N ILE C 155 -3.81 -16.08 -10.11
CA ILE C 155 -2.82 -16.32 -9.06
C ILE C 155 -1.45 -15.77 -9.48
N ASP C 156 -0.81 -14.97 -8.60
CA ASP C 156 0.52 -14.42 -8.87
C ASP C 156 1.56 -15.51 -8.61
N PRO C 157 2.43 -15.81 -9.60
CA PRO C 157 3.43 -16.89 -9.39
C PRO C 157 4.41 -16.72 -8.24
N GLU C 158 4.95 -15.52 -8.00
CA GLU C 158 5.94 -15.34 -6.91
C GLU C 158 5.33 -15.48 -5.53
N SER C 159 4.15 -14.85 -5.30
CA SER C 159 3.44 -14.87 -4.02
C SER C 159 2.67 -16.17 -3.81
N GLY C 160 2.19 -16.74 -4.91
CA GLY C 160 1.37 -17.95 -4.91
C GLY C 160 -0.04 -17.64 -4.43
N ASN C 161 -0.31 -16.35 -4.17
CA ASN C 161 -1.55 -15.82 -3.65
C ASN C 161 -2.58 -15.64 -4.73
N THR C 162 -3.81 -16.08 -4.46
CA THR C 162 -4.89 -15.85 -5.42
C THR C 162 -5.28 -14.40 -5.19
N LEU C 163 -5.32 -13.64 -6.29
CA LEU C 163 -5.64 -12.22 -6.25
C LEU C 163 -7.10 -11.99 -6.56
N TYR C 164 -7.54 -12.47 -7.73
CA TYR C 164 -8.88 -12.23 -8.22
C TYR C 164 -9.42 -13.45 -8.98
N ILE C 165 -10.73 -13.44 -9.28
CA ILE C 165 -11.37 -14.48 -10.05
C ILE C 165 -12.06 -13.87 -11.27
N LEU C 166 -11.51 -14.21 -12.45
CA LEU C 166 -11.91 -13.79 -13.78
C LEU C 166 -13.18 -14.52 -14.27
N THR C 167 -14.19 -13.72 -14.58
CA THR C 167 -15.49 -14.16 -15.05
C THR C 167 -15.72 -13.65 -16.48
N HIS C 168 -16.47 -14.39 -17.31
CA HIS C 168 -16.79 -13.96 -18.69
C HIS C 168 -17.35 -12.53 -18.69
N LYS C 169 -18.42 -12.26 -17.88
CA LYS C 169 -19.09 -10.97 -17.73
C LYS C 169 -18.13 -9.78 -17.63
N ARG C 170 -17.09 -9.89 -16.76
CA ARG C 170 -16.07 -8.86 -16.55
C ARG C 170 -15.15 -8.68 -17.77
N ILE C 171 -14.72 -9.80 -18.40
CA ILE C 171 -13.85 -9.81 -19.60
C ILE C 171 -14.60 -9.20 -20.78
N LEU C 172 -15.89 -9.54 -20.92
CA LEU C 172 -16.75 -8.99 -21.96
C LEU C 172 -17.01 -7.53 -21.71
N LYS C 173 -17.28 -7.13 -20.45
CA LYS C 173 -17.52 -5.74 -20.06
C LYS C 173 -16.32 -4.85 -20.43
N PHE C 174 -15.10 -5.44 -20.34
CA PHE C 174 -13.85 -4.79 -20.71
C PHE C 174 -13.74 -4.61 -22.23
N LEU C 175 -14.07 -5.68 -23.01
CA LEU C 175 -14.05 -5.62 -24.47
C LEU C 175 -15.07 -4.57 -24.92
N LYS C 176 -16.33 -4.64 -24.43
CA LYS C 176 -17.42 -3.70 -24.73
C LYS C 176 -17.06 -2.25 -24.36
N LEU C 177 -16.24 -2.04 -23.30
CA LEU C 177 -15.78 -0.70 -22.89
C LEU C 177 -14.95 -0.10 -24.02
N PHE C 178 -14.07 -0.91 -24.65
CA PHE C 178 -13.20 -0.47 -25.73
C PHE C 178 -13.79 -0.70 -27.13
N ILE C 179 -15.11 -0.92 -27.24
CA ILE C 179 -15.69 -1.09 -28.56
C ILE C 179 -16.22 0.29 -29.04
N THR C 180 -15.36 0.96 -29.86
CA THR C 180 -15.57 2.29 -30.45
C THR C 180 -15.47 2.23 -31.98
N SER C 191 -25.97 -9.31 -38.07
CA SER C 191 -27.12 -10.06 -37.55
C SER C 191 -26.74 -11.39 -36.87
N LEU C 192 -27.59 -11.86 -35.93
CA LEU C 192 -27.37 -13.11 -35.19
C LEU C 192 -27.61 -14.35 -36.05
N GLU C 193 -28.40 -14.18 -37.12
CA GLU C 193 -28.71 -15.25 -38.06
C GLU C 193 -27.59 -15.42 -39.11
N GLU C 194 -26.99 -14.30 -39.61
CA GLU C 194 -25.91 -14.34 -40.61
C GLU C 194 -24.59 -14.93 -40.06
N LEU C 195 -24.29 -14.70 -38.76
CA LEU C 195 -23.04 -15.16 -38.12
C LEU C 195 -23.15 -16.54 -37.47
N GLN C 196 -24.38 -16.95 -37.08
CA GLN C 196 -24.68 -18.24 -36.44
C GLN C 196 -23.80 -18.48 -35.19
N ILE C 197 -24.12 -17.75 -34.09
CA ILE C 197 -23.43 -17.83 -32.79
C ILE C 197 -24.47 -18.16 -31.71
N GLY C 198 -24.18 -19.18 -30.92
CA GLY C 198 -25.05 -19.63 -29.84
C GLY C 198 -25.57 -21.03 -30.10
N THR C 199 -26.23 -21.63 -29.11
CA THR C 199 -26.79 -22.97 -29.25
C THR C 199 -28.25 -22.84 -29.68
N TYR C 200 -28.63 -23.55 -30.75
CA TYR C 200 -29.98 -23.47 -31.31
C TYR C 200 -30.61 -24.84 -31.42
N ALA C 201 -29.81 -25.90 -31.20
CA ALA C 201 -30.28 -27.30 -31.26
C ALA C 201 -30.29 -27.94 -29.88
N ASN C 202 -31.37 -28.70 -29.59
CA ASN C 202 -31.62 -29.42 -28.35
C ASN C 202 -31.37 -28.54 -27.11
N ILE C 203 -32.19 -27.48 -27.02
CA ILE C 203 -32.18 -26.49 -25.94
C ILE C 203 -32.87 -27.09 -24.72
N ALA C 204 -32.15 -27.13 -23.58
CA ALA C 204 -32.66 -27.68 -22.32
C ALA C 204 -33.42 -26.62 -21.53
N MET C 205 -34.76 -26.76 -21.44
CA MET C 205 -35.65 -25.85 -20.71
C MET C 205 -36.74 -26.62 -19.97
N VAL C 206 -37.38 -25.96 -18.99
CA VAL C 206 -38.39 -26.53 -18.08
C VAL C 206 -39.78 -25.89 -18.19
N ARG C 207 -40.79 -26.61 -17.70
CA ARG C 207 -42.17 -26.12 -17.65
C ARG C 207 -42.32 -25.23 -16.40
N THR C 208 -43.46 -24.54 -16.29
CA THR C 208 -43.81 -23.66 -15.19
C THR C 208 -43.84 -24.47 -13.87
N THR C 209 -44.54 -25.62 -13.92
CA THR C 209 -44.84 -26.60 -12.87
C THR C 209 -43.71 -27.57 -12.50
N THR C 210 -42.60 -27.58 -13.29
CA THR C 210 -41.43 -28.45 -13.10
C THR C 210 -40.84 -28.27 -11.70
N PRO C 211 -40.64 -29.35 -10.88
CA PRO C 211 -40.03 -29.17 -9.56
C PRO C 211 -38.54 -28.80 -9.65
N VAL C 212 -38.03 -28.09 -8.62
CA VAL C 212 -36.63 -27.67 -8.55
C VAL C 212 -35.72 -28.87 -8.74
N TYR C 213 -36.02 -30.00 -8.05
CA TYR C 213 -35.21 -31.23 -8.12
C TYR C 213 -35.00 -31.67 -9.55
N VAL C 214 -36.11 -31.73 -10.31
CA VAL C 214 -36.12 -32.10 -11.72
C VAL C 214 -35.19 -31.18 -12.51
N ALA C 215 -35.38 -29.84 -12.36
CA ALA C 215 -34.58 -28.83 -13.02
C ALA C 215 -33.12 -29.02 -12.65
N LEU C 216 -32.84 -29.32 -11.36
CA LEU C 216 -31.48 -29.55 -10.88
C LEU C 216 -30.87 -30.69 -11.65
N GLY C 217 -31.64 -31.75 -11.85
CA GLY C 217 -31.22 -32.89 -12.63
C GLY C 217 -30.83 -32.55 -14.05
N ILE C 218 -31.50 -31.54 -14.67
CA ILE C 218 -31.21 -31.08 -16.04
C ILE C 218 -29.91 -30.32 -16.02
N PHE C 219 -29.73 -29.42 -15.04
CA PHE C 219 -28.49 -28.66 -14.91
C PHE C 219 -27.31 -29.62 -14.86
N VAL C 220 -27.51 -30.83 -14.26
CA VAL C 220 -26.47 -31.85 -14.09
C VAL C 220 -26.19 -32.62 -15.39
N GLN C 221 -27.20 -33.27 -15.99
CA GLN C 221 -27.02 -34.07 -17.21
C GLN C 221 -26.68 -33.23 -18.47
N HIS C 222 -27.24 -32.03 -18.59
CA HIS C 222 -26.99 -31.14 -19.73
C HIS C 222 -25.77 -30.22 -19.57
N ARG C 223 -25.39 -29.88 -18.32
CA ARG C 223 -24.26 -29.00 -18.00
C ARG C 223 -24.36 -27.64 -18.74
N VAL C 224 -25.52 -26.97 -18.52
CA VAL C 224 -25.87 -25.66 -19.06
C VAL C 224 -26.21 -24.72 -17.90
N SER C 225 -25.88 -23.42 -18.03
CA SER C 225 -26.08 -22.43 -16.96
C SER C 225 -27.56 -22.07 -16.63
N ALA C 226 -28.47 -22.02 -17.61
CA ALA C 226 -29.86 -21.64 -17.32
C ALA C 226 -30.91 -22.43 -18.06
N LEU C 227 -32.06 -22.61 -17.42
CA LEU C 227 -33.19 -23.33 -17.96
C LEU C 227 -34.40 -22.40 -18.18
N PRO C 228 -34.67 -21.98 -19.44
CA PRO C 228 -35.84 -21.13 -19.68
C PRO C 228 -37.14 -21.78 -19.22
N VAL C 229 -37.95 -21.03 -18.46
CA VAL C 229 -39.26 -21.49 -17.98
C VAL C 229 -40.23 -21.24 -19.12
N VAL C 230 -40.90 -22.32 -19.60
CA VAL C 230 -41.85 -22.25 -20.72
C VAL C 230 -43.28 -22.60 -20.27
N ASP C 231 -44.28 -21.89 -20.83
CA ASP C 231 -45.72 -22.03 -20.54
C ASP C 231 -46.30 -23.35 -21.11
N GLU C 232 -47.67 -23.46 -21.16
CA GLU C 232 -48.39 -24.61 -21.74
C GLU C 232 -47.93 -24.79 -23.19
N LYS C 233 -47.81 -23.65 -23.92
CA LYS C 233 -47.31 -23.55 -25.28
C LYS C 233 -45.82 -23.16 -25.24
N GLY C 234 -45.09 -23.51 -26.30
CA GLY C 234 -43.65 -23.31 -26.50
C GLY C 234 -43.02 -21.96 -26.18
N ARG C 235 -43.85 -20.95 -25.90
CA ARG C 235 -43.43 -19.60 -25.52
C ARG C 235 -42.80 -19.60 -24.10
N VAL C 236 -41.83 -18.71 -23.86
CA VAL C 236 -41.11 -18.58 -22.58
C VAL C 236 -41.75 -17.51 -21.65
N VAL C 237 -41.99 -17.85 -20.37
CA VAL C 237 -42.55 -16.91 -19.38
C VAL C 237 -41.52 -16.41 -18.36
N ASP C 238 -40.41 -17.15 -18.14
CA ASP C 238 -39.33 -16.83 -17.18
C ASP C 238 -38.04 -17.64 -17.48
N ILE C 239 -37.02 -17.56 -16.61
CA ILE C 239 -35.78 -18.32 -16.77
C ILE C 239 -35.13 -18.65 -15.41
N TYR C 240 -35.03 -19.97 -15.08
CA TYR C 240 -34.41 -20.49 -13.86
C TYR C 240 -32.93 -20.78 -14.15
N SER C 241 -32.01 -20.02 -13.54
CA SER C 241 -30.57 -20.15 -13.78
C SER C 241 -29.80 -20.66 -12.57
N LYS C 242 -28.55 -21.14 -12.81
CA LYS C 242 -27.65 -21.68 -11.76
C LYS C 242 -27.61 -20.78 -10.54
N PHE C 243 -27.80 -19.48 -10.74
CA PHE C 243 -27.81 -18.47 -9.69
C PHE C 243 -29.03 -18.60 -8.80
N ASP C 244 -30.22 -18.71 -9.40
CA ASP C 244 -31.47 -18.86 -8.67
C ASP C 244 -31.46 -20.06 -7.73
N VAL C 245 -30.45 -20.93 -7.87
CA VAL C 245 -30.30 -22.08 -7.01
C VAL C 245 -29.68 -21.68 -5.66
N ILE C 246 -28.92 -20.56 -5.58
CA ILE C 246 -28.39 -20.19 -4.26
C ILE C 246 -29.41 -19.58 -3.38
N ASN C 247 -30.53 -19.14 -3.94
CA ASN C 247 -31.55 -18.58 -3.07
C ASN C 247 -32.01 -19.64 -2.05
N LEU C 248 -31.83 -20.93 -2.40
CA LEU C 248 -32.19 -22.04 -1.52
C LEU C 248 -31.22 -22.09 -0.35
N ALA C 249 -29.93 -21.80 -0.60
CA ALA C 249 -28.90 -21.75 0.42
C ALA C 249 -29.22 -20.55 1.32
N ALA C 250 -29.39 -19.37 0.68
CA ALA C 250 -29.72 -18.08 1.26
C ALA C 250 -30.94 -18.16 2.20
N GLU C 251 -32.11 -18.54 1.67
CA GLU C 251 -33.35 -18.64 2.40
C GLU C 251 -33.47 -19.91 3.26
N LYS C 252 -32.48 -20.84 3.17
CA LYS C 252 -32.49 -22.13 3.90
C LYS C 252 -33.82 -22.89 3.58
N THR C 253 -34.08 -23.05 2.26
CA THR C 253 -35.27 -23.65 1.66
C THR C 253 -34.95 -24.87 0.76
N TYR C 254 -33.65 -25.27 0.67
CA TYR C 254 -33.13 -26.41 -0.09
C TYR C 254 -33.73 -27.78 0.37
N ASN C 255 -34.31 -27.84 1.59
CA ASN C 255 -34.85 -29.10 2.09
C ASN C 255 -36.19 -29.45 1.46
N ASN C 256 -36.63 -28.65 0.47
CA ASN C 256 -37.84 -28.89 -0.29
C ASN C 256 -37.57 -28.55 -1.75
N LEU C 257 -37.29 -29.57 -2.56
CA LEU C 257 -36.98 -29.42 -3.98
C LEU C 257 -38.12 -29.92 -4.86
N ASP C 258 -39.24 -30.27 -4.20
CA ASP C 258 -40.50 -30.72 -4.79
C ASP C 258 -41.28 -29.52 -5.37
N VAL C 259 -40.97 -28.29 -4.86
CA VAL C 259 -41.61 -27.04 -5.29
C VAL C 259 -41.36 -26.76 -6.75
N SER C 260 -42.37 -26.21 -7.43
CA SER C 260 -42.24 -25.86 -8.83
C SER C 260 -41.25 -24.72 -8.97
N VAL C 261 -40.61 -24.66 -10.14
CA VAL C 261 -39.63 -23.66 -10.55
C VAL C 261 -40.23 -22.23 -10.39
N THR C 262 -41.54 -22.03 -10.72
CA THR C 262 -42.25 -20.75 -10.57
C THR C 262 -42.35 -20.31 -9.09
N LYS C 263 -42.76 -21.25 -8.16
CA LYS C 263 -42.83 -21.04 -6.70
C LYS C 263 -41.43 -20.60 -6.21
N ALA C 264 -40.40 -21.24 -6.78
CA ALA C 264 -39.00 -21.01 -6.50
C ALA C 264 -38.50 -19.62 -6.92
N LEU C 265 -39.05 -19.11 -8.03
CA LEU C 265 -38.64 -17.84 -8.60
C LEU C 265 -39.35 -16.63 -8.03
N GLN C 266 -40.43 -16.86 -7.22
CA GLN C 266 -41.25 -15.83 -6.56
C GLN C 266 -40.48 -14.79 -5.72
N HIS C 267 -39.29 -15.18 -5.15
CA HIS C 267 -38.39 -14.35 -4.32
C HIS C 267 -37.89 -13.03 -5.00
N ARG C 268 -37.99 -12.95 -6.34
CA ARG C 268 -37.60 -11.83 -7.20
C ARG C 268 -38.66 -11.50 -8.27
N LEU C 276 -35.84 -11.43 -20.54
CA LEU C 276 -35.01 -10.70 -21.50
C LEU C 276 -34.74 -11.52 -22.74
N LYS C 277 -35.23 -11.01 -23.90
CA LYS C 277 -35.18 -11.64 -25.21
C LYS C 277 -34.34 -10.90 -26.24
N CYS C 278 -33.97 -11.62 -27.32
CA CYS C 278 -33.28 -11.14 -28.51
C CYS C 278 -33.77 -11.94 -29.74
N TYR C 279 -34.06 -11.25 -30.84
CA TYR C 279 -34.60 -11.85 -32.07
C TYR C 279 -33.48 -12.05 -33.10
N LEU C 280 -33.58 -13.12 -33.92
CA LEU C 280 -32.56 -13.47 -34.93
C LEU C 280 -32.20 -12.33 -35.90
N HIS C 281 -33.17 -11.43 -36.22
CA HIS C 281 -33.00 -10.27 -37.12
C HIS C 281 -32.44 -9.03 -36.39
N GLU C 282 -31.40 -9.24 -35.57
CA GLU C 282 -30.74 -8.20 -34.78
C GLU C 282 -29.22 -8.35 -34.89
N THR C 283 -28.50 -7.23 -35.10
CA THR C 283 -27.04 -7.20 -35.22
C THR C 283 -26.34 -7.64 -33.92
N LEU C 284 -25.18 -8.31 -34.06
CA LEU C 284 -24.34 -8.81 -32.97
C LEU C 284 -23.81 -7.67 -32.09
N GLU C 285 -23.51 -6.47 -32.68
CA GLU C 285 -23.03 -5.28 -31.97
C GLU C 285 -24.08 -4.80 -30.97
N ALA C 286 -25.37 -4.84 -31.38
CA ALA C 286 -26.55 -4.51 -30.57
C ALA C 286 -26.78 -5.57 -29.51
N ILE C 287 -26.67 -6.86 -29.92
CA ILE C 287 -26.85 -8.03 -29.06
C ILE C 287 -25.76 -8.11 -27.97
N ILE C 288 -24.53 -7.64 -28.29
CA ILE C 288 -23.41 -7.60 -27.37
C ILE C 288 -23.69 -6.44 -26.40
N ASN C 289 -24.18 -5.30 -26.94
CA ASN C 289 -24.54 -4.10 -26.20
C ASN C 289 -25.63 -4.41 -25.14
N ARG C 290 -26.67 -5.18 -25.55
CA ARG C 290 -27.82 -5.61 -24.74
C ARG C 290 -27.39 -6.38 -23.50
N LEU C 291 -26.51 -7.39 -23.66
CA LEU C 291 -26.00 -8.25 -22.58
C LEU C 291 -25.27 -7.46 -21.52
N VAL C 292 -24.35 -6.56 -21.92
CA VAL C 292 -23.58 -5.75 -20.96
C VAL C 292 -24.42 -4.64 -20.35
N GLU C 293 -25.37 -4.07 -21.14
CA GLU C 293 -26.27 -3.01 -20.66
C GLU C 293 -27.20 -3.55 -19.57
N ALA C 294 -27.70 -4.78 -19.75
CA ALA C 294 -28.56 -5.41 -18.77
C ALA C 294 -27.74 -6.24 -17.76
N GLU C 295 -26.41 -6.38 -18.00
CA GLU C 295 -25.44 -7.14 -17.18
C GLU C 295 -25.80 -8.63 -17.01
N VAL C 296 -26.58 -9.19 -17.97
CA VAL C 296 -27.07 -10.58 -17.98
C VAL C 296 -26.04 -11.56 -18.57
N HIS C 297 -26.12 -12.86 -18.19
CA HIS C 297 -25.15 -13.88 -18.62
C HIS C 297 -25.44 -14.58 -19.93
N ARG C 298 -26.68 -14.48 -20.43
CA ARG C 298 -27.10 -15.06 -21.71
C ARG C 298 -28.49 -14.57 -22.08
N LEU C 299 -28.70 -14.36 -23.39
CA LEU C 299 -29.97 -13.92 -23.93
C LEU C 299 -30.76 -15.06 -24.61
N VAL C 300 -32.10 -14.94 -24.62
CA VAL C 300 -32.97 -15.95 -25.23
C VAL C 300 -33.25 -15.55 -26.68
N VAL C 301 -32.88 -16.43 -27.62
CA VAL C 301 -33.10 -16.22 -29.06
C VAL C 301 -34.49 -16.76 -29.39
N VAL C 302 -35.46 -15.84 -29.41
CA VAL C 302 -36.87 -16.11 -29.57
C VAL C 302 -37.45 -15.65 -30.93
N ASP C 303 -38.54 -16.32 -31.39
CA ASP C 303 -39.26 -15.96 -32.62
C ASP C 303 -40.28 -14.87 -32.31
N GLU C 304 -40.92 -14.33 -33.36
CA GLU C 304 -41.92 -13.26 -33.29
C GLU C 304 -43.01 -13.49 -32.22
N HIS C 305 -43.52 -14.74 -32.14
CA HIS C 305 -44.56 -15.20 -31.21
C HIS C 305 -44.03 -15.60 -29.80
N ASP C 306 -42.85 -15.04 -29.40
CA ASP C 306 -42.15 -15.25 -28.11
C ASP C 306 -41.86 -16.73 -27.79
N VAL C 307 -41.66 -17.55 -28.84
CA VAL C 307 -41.37 -18.99 -28.73
C VAL C 307 -39.87 -19.22 -28.97
N VAL C 308 -39.19 -19.83 -27.98
CA VAL C 308 -37.77 -20.15 -27.96
C VAL C 308 -37.28 -20.82 -29.28
N LYS C 309 -36.13 -20.34 -29.81
CA LYS C 309 -35.47 -20.82 -31.04
C LYS C 309 -33.98 -21.12 -30.80
N GLY C 310 -33.47 -20.68 -29.65
CA GLY C 310 -32.09 -20.86 -29.22
C GLY C 310 -31.67 -19.95 -28.08
N ILE C 311 -30.39 -20.04 -27.70
CA ILE C 311 -29.78 -19.24 -26.63
C ILE C 311 -28.38 -18.81 -27.05
N VAL C 312 -28.00 -17.58 -26.70
CA VAL C 312 -26.66 -17.09 -27.01
C VAL C 312 -25.99 -16.62 -25.71
N SER C 313 -25.01 -17.39 -25.27
CA SER C 313 -24.29 -17.17 -24.03
C SER C 313 -23.06 -16.30 -24.18
N LEU C 314 -22.70 -15.59 -23.09
CA LEU C 314 -21.50 -14.76 -22.95
C LEU C 314 -20.27 -15.59 -23.34
N SER C 315 -20.30 -16.91 -22.99
CA SER C 315 -19.32 -17.94 -23.31
C SER C 315 -19.05 -17.86 -24.80
N ASP C 316 -20.12 -18.12 -25.62
CA ASP C 316 -20.15 -18.12 -27.08
C ASP C 316 -19.72 -16.81 -27.73
N ILE C 317 -20.14 -15.66 -27.16
CA ILE C 317 -19.76 -14.32 -27.63
C ILE C 317 -18.25 -14.14 -27.54
N LEU C 318 -17.67 -14.33 -26.35
CA LEU C 318 -16.22 -14.19 -26.16
C LEU C 318 -15.43 -15.22 -26.99
N GLN C 319 -15.97 -16.42 -27.16
CA GLN C 319 -15.37 -17.50 -27.94
C GLN C 319 -15.26 -17.15 -29.42
N ALA C 320 -16.38 -16.69 -30.04
CA ALA C 320 -16.47 -16.26 -31.44
C ALA C 320 -15.49 -15.12 -31.75
N LEU C 321 -15.17 -14.33 -30.71
CA LEU C 321 -14.22 -13.22 -30.73
C LEU C 321 -12.81 -13.68 -30.22
N VAL C 322 -12.43 -14.93 -30.61
CA VAL C 322 -11.14 -15.58 -30.27
C VAL C 322 -10.76 -16.65 -31.33
#